data_4G8G
#
_entry.id   4G8G
#
_cell.length_a   56.682
_cell.length_b   70.320
_cell.length_c   107.767
_cell.angle_alpha   90.000
_cell.angle_beta   98.770
_cell.angle_gamma   90.000
#
_symmetry.space_group_name_H-M   'P 1 21 1'
#
loop_
_entity.id
_entity.type
_entity.pdbx_description
1 polymer 'HLA class I histocompatibility antigen, B-27 alpha chain'
2 polymer Beta-2-microglobulin
3 polymer P24
4 polymer 'alpha chain C12C TCR'
5 polymer 'beta chain C12C TCR'
6 water water
#
loop_
_entity_poly.entity_id
_entity_poly.type
_entity_poly.pdbx_seq_one_letter_code
_entity_poly.pdbx_strand_id
1 'polypeptide(L)'
;GSHSMRYFHTSVSRPGRGEPRFITVGYVDDTLFVRFDSDAASPREEPRAPWIEQEGPEYWDRETQICKAKAQTDREDLRT
LLRYYNQSEAGSHTLQNMYGCDVGPDGRLLRGYHQDAYDGKDYIALNEDLSSWTAADTAAQITQRKWEAARVAEQLRAYL
EGECVEWLRRYLENGKETLQRADPPKTHVTHHPISDHEATLRCWALGFYPAEITLTWQRDGEDQTQDTELVETRPAGDRT
FQKWAAVVVPSGEEQRYTCHVQHEGLPKPLTLRWEP
;
A
2 'polypeptide(L)'
;MIQRTPKIQVYSRHPAENGKSNFLNCYVSGFHPSDIEVDLLKNGERIEKVEHSDLSFSKDWSFYLLYYTEFTPTEKDEYA
CRVNHVTLSQPKIVKWDRDM
;
B
3 'polypeptide(L)' KRWIILGLNK C
4 'polypeptide(L)'
;KITQTQPGMFVQEKEAVTLDCTYDTSDQSYGLFWYKQPSSGEMIFLIYQGSYDEQNATEGRYSLNFQKARKSANLVISAS
QLGDSAMYFCAMRDLRDNFNKFYFGSGTKLNVKPNIQNPDPAVYQLRDSKSSDKSVCLFTDFDSQTNVSQSKDSDVYITD
KCVLDMRSMDFKSNSAVAWSNKSDFACANAFNNSIIPEDTFFPS
;
D
5 'polypeptide(L)'
;GVTQTPKFQVLKTGQSMTLQCAQDMNHEYMSWYRQDPGMGLRLIHYSVGAGITDQGEVPNGYNVSRSTTEDFPLRLLSAA
PSQTSVYFCASREGLGGTEAFFGQGTRLTVVEDLNKVFPPEVAVFEPSEAEISHTQKATLVCLATGFYPDHVELSWWVNG
KEVHSGVCTDPQPLKEQPALNDSRYALSSRLRVSATFWQDPRNHFRCQVQFYGLSENDEWTQDRAKPVTQIVSAEAWGRA
DASGLVPR
;
E
#
# COMPACT_ATOMS: atom_id res chain seq x y z
N GLY A 1 8.20 -13.10 -37.47
CA GLY A 1 8.38 -11.67 -37.66
C GLY A 1 8.33 -10.87 -36.37
N SER A 2 7.44 -9.88 -36.32
CA SER A 2 7.20 -9.09 -35.11
C SER A 2 6.16 -9.79 -34.25
N HIS A 3 6.27 -9.63 -32.93
CA HIS A 3 5.35 -10.30 -32.02
C HIS A 3 5.00 -9.39 -30.85
N SER A 4 3.96 -9.75 -30.13
CA SER A 4 3.50 -8.91 -29.05
C SER A 4 3.00 -9.71 -27.87
N MET A 5 3.12 -9.11 -26.70
CA MET A 5 2.48 -9.64 -25.51
C MET A 5 1.61 -8.55 -24.92
N ARG A 6 0.38 -8.91 -24.59
CA ARG A 6 -0.55 -7.94 -24.04
C ARG A 6 -1.33 -8.53 -22.89
N TYR A 7 -1.52 -7.72 -21.86
CA TYR A 7 -2.40 -8.08 -20.78
C TYR A 7 -3.54 -7.10 -20.78
N PHE A 8 -4.75 -7.63 -20.71
CA PHE A 8 -5.94 -6.79 -20.71
C PHE A 8 -6.66 -6.99 -19.41
N HIS A 9 -7.19 -5.89 -18.88
CA HIS A 9 -7.83 -5.92 -17.59
C HIS A 9 -9.11 -5.12 -17.65
N THR A 10 -10.17 -5.69 -17.11
CA THR A 10 -11.41 -4.97 -17.04
C THR A 10 -12.04 -5.14 -15.67
N SER A 11 -12.33 -4.04 -15.01
N SER A 11 -12.34 -4.03 -15.02
CA SER A 11 -13.04 -4.09 -13.74
CA SER A 11 -13.08 -4.10 -13.78
C SER A 11 -14.35 -3.31 -13.86
C SER A 11 -14.35 -3.35 -14.00
N VAL A 12 -15.47 -4.01 -13.71
CA VAL A 12 -16.76 -3.41 -13.83
C VAL A 12 -17.44 -3.40 -12.47
N SER A 13 -17.69 -2.21 -11.93
CA SER A 13 -18.45 -2.09 -10.70
C SER A 13 -19.91 -2.50 -10.97
N ARG A 14 -20.55 -3.10 -9.98
CA ARG A 14 -21.95 -3.46 -10.08
C ARG A 14 -22.63 -3.19 -8.73
N PRO A 15 -22.81 -1.90 -8.42
CA PRO A 15 -23.33 -1.49 -7.11
C PRO A 15 -24.70 -2.12 -6.80
N GLY A 16 -24.82 -2.72 -5.62
CA GLY A 16 -26.07 -3.34 -5.19
C GLY A 16 -26.16 -4.78 -5.66
N ARG A 17 -25.06 -5.28 -6.20
CA ARG A 17 -25.02 -6.62 -6.74
C ARG A 17 -23.67 -7.27 -6.47
N GLY A 18 -23.04 -6.83 -5.40
CA GLY A 18 -21.76 -7.36 -4.99
C GLY A 18 -20.62 -6.41 -5.30
N GLU A 19 -19.42 -6.97 -5.44
CA GLU A 19 -18.23 -6.18 -5.71
C GLU A 19 -17.86 -6.27 -7.19
N PRO A 20 -16.92 -5.43 -7.63
CA PRO A 20 -16.56 -5.35 -9.05
C PRO A 20 -16.09 -6.68 -9.67
N ARG A 21 -16.72 -7.04 -10.78
CA ARG A 21 -16.27 -8.10 -11.65
C ARG A 21 -14.94 -7.73 -12.31
N PHE A 22 -13.92 -8.51 -12.04
CA PHE A 22 -12.62 -8.30 -12.66
C PHE A 22 -12.25 -9.45 -13.59
N ILE A 23 -11.90 -9.11 -14.82
CA ILE A 23 -11.49 -10.09 -15.81
C ILE A 23 -10.22 -9.64 -16.49
N THR A 24 -9.22 -10.51 -16.52
CA THR A 24 -8.00 -10.17 -17.20
C THR A 24 -7.56 -11.32 -18.09
N VAL A 25 -6.98 -11.00 -19.23
CA VAL A 25 -6.54 -12.03 -20.16
C VAL A 25 -5.18 -11.67 -20.72
N GLY A 26 -4.42 -12.69 -21.05
CA GLY A 26 -3.09 -12.50 -21.57
C GLY A 26 -2.99 -13.01 -23.01
N TYR A 27 -2.47 -12.16 -23.88
CA TYR A 27 -2.26 -12.56 -25.25
C TYR A 27 -0.79 -12.53 -25.61
N VAL A 28 -0.36 -13.57 -26.30
CA VAL A 28 0.79 -13.47 -27.17
C VAL A 28 0.24 -13.40 -28.58
N ASP A 29 0.61 -12.36 -29.30
CA ASP A 29 0.05 -12.12 -30.62
C ASP A 29 -1.47 -12.22 -30.56
N ASP A 30 -2.04 -13.19 -31.27
CA ASP A 30 -3.49 -13.31 -31.30
C ASP A 30 -3.96 -14.52 -30.51
N THR A 31 -3.08 -15.02 -29.66
CA THR A 31 -3.36 -16.25 -28.94
C THR A 31 -3.58 -15.97 -27.48
N LEU A 32 -4.80 -16.21 -27.01
CA LEU A 32 -5.09 -16.14 -25.59
C LEU A 32 -4.30 -17.23 -24.89
N PHE A 33 -3.59 -16.87 -23.83
CA PHE A 33 -2.79 -17.89 -23.12
C PHE A 33 -2.99 -17.95 -21.60
N VAL A 34 -3.45 -16.86 -21.00
CA VAL A 34 -3.79 -16.84 -19.59
C VAL A 34 -5.07 -16.06 -19.35
N ARG A 35 -5.74 -16.35 -18.25
CA ARG A 35 -6.97 -15.67 -17.94
C ARG A 35 -7.16 -15.67 -16.45
N PHE A 36 -7.88 -14.68 -15.96
CA PHE A 36 -8.34 -14.68 -14.59
C PHE A 36 -9.65 -13.93 -14.54
N ASP A 37 -10.62 -14.52 -13.84
CA ASP A 37 -11.95 -13.99 -13.70
C ASP A 37 -12.30 -14.03 -12.20
N SER A 38 -12.50 -12.85 -11.61
CA SER A 38 -12.79 -12.74 -10.19
C SER A 38 -14.09 -13.50 -9.83
N ASP A 39 -14.89 -13.80 -10.86
CA ASP A 39 -16.13 -14.57 -10.70
C ASP A 39 -15.99 -16.09 -10.85
N ALA A 40 -14.78 -16.59 -11.10
CA ALA A 40 -14.62 -18.02 -11.23
C ALA A 40 -14.72 -18.63 -9.85
N ALA A 41 -15.28 -19.84 -9.78
CA ALA A 41 -15.24 -20.58 -8.53
C ALA A 41 -13.76 -20.79 -8.26
N SER A 42 -13.32 -20.32 -7.09
CA SER A 42 -11.90 -20.32 -6.76
C SER A 42 -11.06 -19.74 -7.91
N PRO A 43 -10.80 -18.43 -7.88
CA PRO A 43 -10.12 -17.75 -8.98
C PRO A 43 -8.61 -17.99 -8.98
N ARG A 44 -8.10 -18.57 -10.07
CA ARG A 44 -6.67 -18.74 -10.31
C ARG A 44 -6.38 -18.11 -11.67
N GLU A 45 -5.15 -17.66 -11.90
CA GLU A 45 -4.72 -17.38 -13.26
C GLU A 45 -4.61 -18.75 -13.93
N GLU A 46 -5.36 -18.96 -15.01
CA GLU A 46 -5.40 -20.26 -15.67
C GLU A 46 -4.77 -20.18 -17.05
N PRO A 47 -4.08 -21.26 -17.48
CA PRO A 47 -3.53 -21.33 -18.84
C PRO A 47 -4.66 -21.41 -19.83
N ARG A 48 -4.44 -20.98 -21.06
CA ARG A 48 -5.47 -21.07 -22.06
C ARG A 48 -4.88 -21.47 -23.39
N ALA A 49 -3.57 -21.71 -23.38
CA ALA A 49 -2.85 -22.21 -24.54
C ALA A 49 -1.83 -23.23 -24.03
N PRO A 50 -1.61 -24.33 -24.78
CA PRO A 50 -0.80 -25.45 -24.29
C PRO A 50 0.64 -25.07 -23.88
N TRP A 51 1.33 -24.29 -24.70
CA TRP A 51 2.73 -23.99 -24.44
C TRP A 51 2.98 -23.28 -23.09
N ILE A 52 1.98 -22.62 -22.53
CA ILE A 52 2.17 -21.92 -21.26
C ILE A 52 2.09 -22.90 -20.10
N GLU A 53 1.48 -24.06 -20.35
CA GLU A 53 1.27 -25.07 -19.32
C GLU A 53 2.54 -25.66 -18.68
N GLN A 54 3.68 -25.57 -19.36
CA GLN A 54 4.97 -25.99 -18.81
C GLN A 54 5.40 -25.18 -17.59
N GLU A 55 4.96 -23.92 -17.54
CA GLU A 55 5.38 -23.04 -16.46
C GLU A 55 4.98 -23.71 -15.17
N GLY A 56 5.84 -23.57 -14.16
CA GLY A 56 5.68 -24.29 -12.92
C GLY A 56 4.71 -23.64 -11.97
N PRO A 57 4.50 -24.27 -10.81
CA PRO A 57 3.47 -23.82 -9.89
C PRO A 57 3.80 -22.45 -9.33
N GLU A 58 5.10 -22.11 -9.28
CA GLU A 58 5.49 -20.81 -8.75
C GLU A 58 4.97 -19.73 -9.68
N TYR A 59 5.06 -20.01 -10.98
CA TYR A 59 4.56 -19.12 -12.01
C TYR A 59 3.05 -18.86 -11.81
N TRP A 60 2.26 -19.94 -11.81
CA TRP A 60 0.82 -19.84 -11.60
C TRP A 60 0.41 -19.21 -10.27
N ASP A 61 1.09 -19.51 -9.17
CA ASP A 61 0.80 -18.84 -7.92
C ASP A 61 1.07 -17.36 -8.00
N ARG A 62 2.20 -17.00 -8.61
CA ARG A 62 2.55 -15.59 -8.71
C ARG A 62 1.57 -14.84 -9.63
N GLU A 63 1.34 -15.37 -10.81
CA GLU A 63 0.42 -14.72 -11.73
C GLU A 63 -0.97 -14.56 -11.10
N THR A 64 -1.40 -15.57 -10.36
CA THR A 64 -2.66 -15.49 -9.64
C THR A 64 -2.67 -14.33 -8.63
N GLN A 65 -1.57 -14.19 -7.90
CA GLN A 65 -1.46 -13.13 -6.91
C GLN A 65 -1.53 -11.77 -7.59
N ILE A 66 -0.76 -11.60 -8.66
CA ILE A 66 -0.74 -10.33 -9.36
C ILE A 66 -2.13 -9.93 -9.88
N CYS A 67 -2.84 -10.89 -10.43
CA CYS A 67 -4.21 -10.66 -10.88
C CYS A 67 -5.14 -10.27 -9.74
N LYS A 68 -5.09 -11.04 -8.67
CA LYS A 68 -5.84 -10.69 -7.47
C LYS A 68 -5.51 -9.25 -7.04
N ALA A 69 -4.22 -8.93 -7.02
CA ALA A 69 -3.75 -7.61 -6.61
C ALA A 69 -4.29 -6.54 -7.55
N LYS A 70 -4.33 -6.86 -8.84
CA LYS A 70 -4.84 -5.91 -9.84
C LYS A 70 -6.33 -5.72 -9.61
N ALA A 71 -7.02 -6.82 -9.34
CA ALA A 71 -8.43 -6.76 -9.04
C ALA A 71 -8.66 -5.78 -7.88
N GLN A 72 -7.89 -5.93 -6.81
CA GLN A 72 -8.05 -5.09 -5.63
C GLN A 72 -7.67 -3.64 -5.88
N THR A 73 -6.52 -3.43 -6.52
CA THR A 73 -6.15 -2.09 -6.95
C THR A 73 -7.30 -1.45 -7.69
N ASP A 74 -7.90 -2.20 -8.61
CA ASP A 74 -9.05 -1.70 -9.38
C ASP A 74 -10.25 -1.32 -8.50
N ARG A 75 -10.59 -2.16 -7.52
CA ARG A 75 -11.73 -1.84 -6.66
C ARG A 75 -11.49 -0.50 -6.01
N GLU A 76 -10.26 -0.27 -5.56
CA GLU A 76 -9.94 0.96 -4.87
C GLU A 76 -10.01 2.12 -5.84
N ASP A 77 -9.47 1.92 -7.03
CA ASP A 77 -9.45 2.95 -8.07
C ASP A 77 -10.85 3.37 -8.52
N LEU A 78 -11.80 2.46 -8.54
CA LEU A 78 -13.18 2.81 -8.90
C LEU A 78 -13.78 3.73 -7.85
N ARG A 79 -13.55 3.39 -6.58
CA ARG A 79 -13.92 4.26 -5.46
C ARG A 79 -13.31 5.65 -5.63
N THR A 80 -12.00 5.67 -5.87
CA THR A 80 -11.28 6.92 -5.99
C THR A 80 -11.83 7.73 -7.15
N LEU A 81 -12.07 7.07 -8.26
CA LEU A 81 -12.49 7.78 -9.46
C LEU A 81 -13.89 8.39 -9.33
N LEU A 82 -14.69 7.82 -8.44
CA LEU A 82 -15.99 8.41 -8.14
C LEU A 82 -15.76 9.78 -7.51
N ARG A 83 -14.80 9.84 -6.60
CA ARG A 83 -14.47 11.10 -5.96
C ARG A 83 -13.83 12.11 -6.94
N TYR A 84 -12.99 11.63 -7.84
CA TYR A 84 -12.33 12.50 -8.80
C TYR A 84 -13.37 13.15 -9.72
N TYR A 85 -14.39 12.40 -10.09
CA TYR A 85 -15.41 12.86 -11.04
C TYR A 85 -16.70 13.37 -10.37
N ASN A 86 -16.72 13.35 -9.04
CA ASN A 86 -17.95 13.60 -8.30
C ASN A 86 -19.11 12.78 -8.83
N GLN A 87 -18.93 11.47 -8.90
CA GLN A 87 -20.01 10.60 -9.36
C GLN A 87 -20.61 9.84 -8.19
N SER A 88 -21.79 9.27 -8.39
CA SER A 88 -22.46 8.54 -7.32
C SER A 88 -21.94 7.12 -7.18
N GLU A 89 -21.96 6.60 -5.96
CA GLU A 89 -21.63 5.20 -5.73
C GLU A 89 -22.68 4.28 -6.35
N ALA A 90 -23.71 4.87 -6.96
CA ALA A 90 -24.86 4.14 -7.44
C ALA A 90 -24.64 3.65 -8.87
N GLY A 91 -23.80 4.36 -9.60
CA GLY A 91 -23.51 4.01 -10.98
C GLY A 91 -22.43 2.97 -11.14
N SER A 92 -22.63 2.10 -12.12
CA SER A 92 -21.64 1.13 -12.55
C SER A 92 -20.63 1.70 -13.56
N HIS A 93 -19.35 1.42 -13.32
CA HIS A 93 -18.25 2.02 -14.06
C HIS A 93 -17.19 0.98 -14.40
N THR A 94 -16.40 1.31 -15.42
CA THR A 94 -15.43 0.37 -15.96
C THR A 94 -14.05 0.95 -15.86
N LEU A 95 -13.13 0.17 -15.29
CA LEU A 95 -11.71 0.47 -15.41
C LEU A 95 -11.09 -0.53 -16.37
N GLN A 96 -10.35 -0.04 -17.34
CA GLN A 96 -9.69 -0.91 -18.29
C GLN A 96 -8.22 -0.61 -18.33
N ASN A 97 -7.41 -1.66 -18.36
CA ASN A 97 -5.98 -1.45 -18.52
C ASN A 97 -5.39 -2.41 -19.52
N MET A 98 -4.52 -1.89 -20.37
CA MET A 98 -3.77 -2.75 -21.27
C MET A 98 -2.32 -2.39 -21.15
N TYR A 99 -1.47 -3.40 -21.20
CA TYR A 99 -0.05 -3.14 -21.25
C TYR A 99 0.65 -4.31 -21.91
N GLY A 100 1.88 -4.07 -22.32
CA GLY A 100 2.65 -5.10 -22.96
C GLY A 100 3.68 -4.51 -23.90
N CYS A 101 4.25 -5.38 -24.72
CA CYS A 101 5.38 -4.98 -25.54
C CYS A 101 5.30 -5.56 -26.94
N ASP A 102 5.87 -4.84 -27.87
CA ASP A 102 6.11 -5.36 -29.21
C ASP A 102 7.60 -5.63 -29.36
N VAL A 103 7.93 -6.77 -29.93
CA VAL A 103 9.32 -7.07 -30.23
C VAL A 103 9.45 -7.25 -31.72
N GLY A 104 10.57 -6.81 -32.26
CA GLY A 104 10.83 -7.02 -33.67
C GLY A 104 11.35 -8.42 -33.90
N PRO A 105 11.43 -8.84 -35.17
CA PRO A 105 11.98 -10.17 -35.46
C PRO A 105 13.30 -10.41 -34.73
N ASP A 106 14.03 -9.34 -34.42
CA ASP A 106 15.29 -9.45 -33.68
C ASP A 106 15.05 -9.81 -32.21
N GLY A 107 13.80 -9.68 -31.76
CA GLY A 107 13.44 -9.97 -30.38
C GLY A 107 13.69 -8.83 -29.40
N ARG A 108 14.12 -7.67 -29.89
CA ARG A 108 14.28 -6.50 -29.02
C ARG A 108 13.02 -5.66 -29.01
N LEU A 109 12.82 -4.93 -27.92
CA LEU A 109 11.63 -4.11 -27.76
C LEU A 109 11.41 -3.17 -28.95
N LEU A 110 10.27 -3.29 -29.60
CA LEU A 110 9.93 -2.32 -30.64
C LEU A 110 9.15 -1.20 -29.97
N ARG A 111 8.17 -1.60 -29.18
CA ARG A 111 7.26 -0.64 -28.56
C ARG A 111 6.69 -1.27 -27.30
N GLY A 112 6.53 -0.47 -26.26
CA GLY A 112 5.90 -0.92 -25.04
C GLY A 112 4.64 -0.12 -24.81
N TYR A 113 3.70 -0.66 -24.06
CA TYR A 113 2.41 0.02 -23.82
C TYR A 113 1.95 -0.09 -22.37
N HIS A 114 1.32 0.97 -21.88
CA HIS A 114 0.55 0.87 -20.65
C HIS A 114 -0.48 1.98 -20.62
N GLN A 115 -1.75 1.60 -20.64
CA GLN A 115 -2.84 2.54 -20.87
C GLN A 115 -4.02 2.16 -20.00
N ASP A 116 -4.67 3.17 -19.45
CA ASP A 116 -5.89 2.93 -18.69
C ASP A 116 -7.04 3.72 -19.30
N ALA A 117 -8.26 3.23 -19.12
CA ALA A 117 -9.44 3.91 -19.62
C ALA A 117 -10.47 3.87 -18.51
N TYR A 118 -11.26 4.93 -18.38
CA TYR A 118 -12.35 4.90 -17.41
C TYR A 118 -13.64 5.12 -18.17
N ASP A 119 -14.54 4.15 -18.10
CA ASP A 119 -15.81 4.23 -18.82
C ASP A 119 -15.62 4.41 -20.32
N GLY A 120 -14.75 3.60 -20.90
CA GLY A 120 -14.58 3.53 -22.34
C GLY A 120 -13.75 4.67 -22.93
N LYS A 121 -13.20 5.50 -22.05
CA LYS A 121 -12.48 6.69 -22.48
C LYS A 121 -11.04 6.70 -21.94
N ASP A 122 -10.09 7.18 -22.74
CA ASP A 122 -8.72 7.25 -22.29
C ASP A 122 -8.65 7.98 -20.95
N TYR A 123 -7.84 7.46 -20.04
CA TYR A 123 -7.71 8.05 -18.73
C TYR A 123 -6.28 8.52 -18.56
N ILE A 124 -5.37 7.56 -18.49
CA ILE A 124 -3.95 7.89 -18.47
C ILE A 124 -3.20 6.86 -19.27
N ALA A 125 -2.16 7.32 -19.95
CA ALA A 125 -1.39 6.46 -20.83
C ALA A 125 0.12 6.70 -20.71
N LEU A 126 0.88 5.61 -20.65
CA LEU A 126 2.33 5.74 -20.75
C LEU A 126 2.63 6.18 -22.16
N ASN A 127 3.43 7.23 -22.31
CA ASN A 127 3.83 7.69 -23.64
C ASN A 127 4.79 6.70 -24.30
N GLU A 128 4.97 6.86 -25.61
CA GLU A 128 5.89 6.02 -26.37
C GLU A 128 7.27 6.10 -25.75
N ASP A 129 7.60 7.30 -25.28
CA ASP A 129 8.70 7.56 -24.36
C ASP A 129 9.02 6.38 -23.46
N LEU A 130 7.97 5.69 -23.02
CA LEU A 130 8.07 4.76 -21.88
C LEU A 130 8.59 5.51 -20.64
N SER A 131 8.59 6.83 -20.72
CA SER A 131 9.19 7.64 -19.66
C SER A 131 8.29 8.77 -19.18
N SER A 132 7.17 9.01 -19.84
CA SER A 132 6.29 10.08 -19.40
C SER A 132 4.84 9.75 -19.61
N TRP A 133 4.00 10.47 -18.87
CA TRP A 133 2.56 10.23 -18.84
C TRP A 133 1.76 11.27 -19.61
N THR A 134 0.69 10.80 -20.23
CA THR A 134 -0.30 11.66 -20.84
C THR A 134 -1.64 11.43 -20.15
N ALA A 135 -2.11 12.45 -19.42
CA ALA A 135 -3.40 12.40 -18.72
C ALA A 135 -4.49 13.00 -19.58
N ALA A 136 -5.58 12.26 -19.77
CA ALA A 136 -6.65 12.70 -20.66
C ALA A 136 -7.46 13.85 -20.07
N ASP A 137 -7.53 13.92 -18.76
CA ASP A 137 -8.33 14.96 -18.14
C ASP A 137 -7.79 15.35 -16.78
N THR A 138 -8.60 16.10 -16.05
CA THR A 138 -8.15 16.71 -14.82
C THR A 138 -8.04 15.69 -13.70
N ALA A 139 -8.95 14.72 -13.73
CA ALA A 139 -8.93 13.64 -12.77
C ALA A 139 -7.65 12.84 -12.99
N ALA A 140 -7.37 12.53 -14.24
CA ALA A 140 -6.25 11.67 -14.58
C ALA A 140 -4.94 12.39 -14.27
N GLN A 141 -5.00 13.71 -14.28
CA GLN A 141 -3.81 14.50 -13.95
C GLN A 141 -3.40 14.24 -12.52
N ILE A 142 -4.40 14.10 -11.64
CA ILE A 142 -4.15 13.73 -10.27
C ILE A 142 -3.37 12.41 -10.25
N THR A 143 -3.87 11.42 -10.97
CA THR A 143 -3.18 10.14 -11.06
C THR A 143 -1.75 10.31 -11.58
N GLN A 144 -1.61 11.09 -12.64
CA GLN A 144 -0.27 11.39 -13.16
C GLN A 144 0.70 11.88 -12.06
N ARG A 145 0.29 12.87 -11.28
CA ARG A 145 1.17 13.35 -10.22
C ARG A 145 1.54 12.24 -9.25
N LYS A 146 0.57 11.41 -8.89
CA LYS A 146 0.82 10.31 -7.95
C LYS A 146 1.88 9.38 -8.53
N TRP A 147 1.72 9.07 -9.81
CA TRP A 147 2.61 8.14 -10.47
C TRP A 147 3.98 8.72 -10.84
N GLU A 148 4.05 10.04 -11.02
CA GLU A 148 5.34 10.67 -11.30
C GLU A 148 6.17 10.64 -10.03
N ALA A 149 5.49 10.89 -8.92
CA ALA A 149 6.09 10.95 -7.61
C ALA A 149 6.67 9.61 -7.23
N ALA A 150 6.02 8.54 -7.68
CA ALA A 150 6.42 7.20 -7.28
C ALA A 150 7.42 6.65 -8.28
N ARG A 151 7.73 7.44 -9.30
CA ARG A 151 8.65 6.99 -10.34
C ARG A 151 8.19 5.67 -10.99
N VAL A 152 6.89 5.58 -11.24
CA VAL A 152 6.29 4.38 -11.83
C VAL A 152 6.80 4.11 -13.25
N ALA A 153 6.91 5.17 -14.04
CA ALA A 153 7.32 5.01 -15.44
C ALA A 153 8.67 4.32 -15.50
N GLU A 154 9.58 4.78 -14.66
CA GLU A 154 10.92 4.20 -14.58
C GLU A 154 10.80 2.67 -14.45
N GLN A 155 10.07 2.20 -13.43
CA GLN A 155 9.95 0.76 -13.19
C GLN A 155 9.12 0.02 -14.25
N LEU A 156 8.03 0.63 -14.69
CA LEU A 156 7.28 0.10 -15.82
C LEU A 156 8.17 0.01 -17.06
N ARG A 157 8.96 1.05 -17.31
CA ARG A 157 9.85 0.99 -18.48
C ARG A 157 10.82 -0.17 -18.40
N ALA A 158 11.33 -0.45 -17.20
CA ALA A 158 12.25 -1.57 -17.03
C ALA A 158 11.54 -2.89 -17.26
N TYR A 159 10.30 -2.98 -16.78
CA TYR A 159 9.51 -4.17 -17.04
C TYR A 159 9.28 -4.36 -18.55
N LEU A 160 8.80 -3.32 -19.22
CA LEU A 160 8.56 -3.44 -20.66
C LEU A 160 9.84 -3.80 -21.41
N GLU A 161 10.98 -3.34 -20.89
CA GLU A 161 12.25 -3.57 -21.57
C GLU A 161 12.93 -4.88 -21.21
N GLY A 162 12.63 -5.41 -20.02
CA GLY A 162 13.23 -6.62 -19.53
C GLY A 162 12.29 -7.79 -19.60
N GLU A 163 11.63 -8.09 -18.48
CA GLU A 163 10.74 -9.25 -18.37
C GLU A 163 9.79 -9.45 -19.53
N CYS A 164 9.04 -8.39 -19.86
CA CYS A 164 8.08 -8.42 -20.97
C CYS A 164 8.70 -9.01 -22.25
N VAL A 165 9.72 -8.34 -22.76
CA VAL A 165 10.51 -8.84 -23.88
C VAL A 165 11.00 -10.28 -23.64
N GLU A 166 11.60 -10.52 -22.48
CA GLU A 166 12.29 -11.79 -22.27
C GLU A 166 11.34 -12.95 -22.17
N TRP A 167 10.23 -12.72 -21.47
CA TRP A 167 9.24 -13.77 -21.30
C TRP A 167 8.46 -13.99 -22.59
N LEU A 168 8.29 -12.91 -23.35
CA LEU A 168 7.66 -13.00 -24.65
C LEU A 168 8.51 -13.90 -25.52
N ARG A 169 9.83 -13.66 -25.50
CA ARG A 169 10.78 -14.51 -26.22
C ARG A 169 10.61 -15.96 -25.84
N ARG A 170 10.53 -16.22 -24.56
CA ARG A 170 10.47 -17.57 -24.04
C ARG A 170 9.13 -18.23 -24.36
N TYR A 171 8.07 -17.44 -24.32
CA TYR A 171 6.77 -17.94 -24.76
C TYR A 171 6.85 -18.31 -26.26
N LEU A 172 7.40 -17.39 -27.04
CA LEU A 172 7.53 -17.60 -28.46
C LEU A 172 8.31 -18.87 -28.74
N GLU A 173 9.38 -19.07 -27.99
CA GLU A 173 10.13 -20.31 -28.13
C GLU A 173 9.28 -21.52 -27.69
N ASN A 174 8.68 -21.47 -26.50
CA ASN A 174 7.88 -22.62 -26.08
C ASN A 174 6.68 -22.90 -26.99
N GLY A 175 6.16 -21.85 -27.62
CA GLY A 175 5.02 -22.02 -28.50
C GLY A 175 5.41 -21.90 -29.96
N LYS A 176 6.69 -22.15 -30.25
CA LYS A 176 7.23 -22.06 -31.60
C LYS A 176 6.31 -22.71 -32.62
N GLU A 177 6.06 -24.00 -32.46
CA GLU A 177 5.28 -24.75 -33.42
C GLU A 177 3.90 -24.16 -33.70
N THR A 178 3.39 -23.29 -32.83
CA THR A 178 2.07 -22.67 -33.04
C THR A 178 2.11 -21.17 -33.20
N LEU A 179 2.70 -20.49 -32.22
CA LEU A 179 2.83 -19.04 -32.26
C LEU A 179 3.59 -18.56 -33.48
N GLN A 180 4.51 -19.39 -33.96
CA GLN A 180 5.39 -18.96 -35.03
C GLN A 180 5.09 -19.65 -36.35
N ARG A 181 3.96 -20.35 -36.38
CA ARG A 181 3.46 -20.98 -37.57
C ARG A 181 2.32 -20.10 -38.07
N ALA A 182 2.43 -19.64 -39.30
CA ALA A 182 1.37 -18.82 -39.88
C ALA A 182 0.47 -19.76 -40.68
N ASP A 183 -0.82 -19.75 -40.37
CA ASP A 183 -1.74 -20.62 -41.09
C ASP A 183 -2.46 -19.83 -42.17
N PRO A 184 -2.26 -20.22 -43.45
CA PRO A 184 -2.81 -19.41 -44.52
C PRO A 184 -4.34 -19.54 -44.58
N PRO A 185 -5.01 -18.50 -45.09
CA PRO A 185 -6.46 -18.59 -45.23
C PRO A 185 -6.81 -19.52 -46.37
N LYS A 186 -7.81 -20.37 -46.19
CA LYS A 186 -8.43 -21.05 -47.30
C LYS A 186 -9.30 -19.96 -47.89
N THR A 187 -9.21 -19.77 -49.19
CA THR A 187 -9.96 -18.69 -49.82
C THR A 187 -10.92 -19.18 -50.88
N HIS A 188 -12.01 -18.44 -51.06
CA HIS A 188 -12.92 -18.71 -52.17
C HIS A 188 -13.82 -17.51 -52.39
N VAL A 189 -14.39 -17.41 -53.59
CA VAL A 189 -15.31 -16.33 -53.90
C VAL A 189 -16.72 -16.86 -54.08
N THR A 190 -17.67 -16.25 -53.39
CA THR A 190 -19.06 -16.58 -53.62
C THR A 190 -19.77 -15.49 -54.42
N HIS A 191 -20.78 -15.91 -55.16
CA HIS A 191 -21.55 -15.02 -56.00
C HIS A 191 -22.96 -14.99 -55.43
N HIS A 192 -23.47 -13.80 -55.15
CA HIS A 192 -24.81 -13.68 -54.61
C HIS A 192 -25.62 -12.66 -55.40
N PRO A 193 -26.52 -13.15 -56.26
CA PRO A 193 -27.38 -12.32 -57.10
C PRO A 193 -28.33 -11.51 -56.26
N ILE A 194 -28.28 -10.19 -56.43
CA ILE A 194 -29.24 -9.31 -55.81
C ILE A 194 -30.48 -9.26 -56.69
N SER A 195 -30.25 -8.90 -57.96
CA SER A 195 -31.31 -8.75 -58.94
C SER A 195 -30.75 -9.05 -60.34
N ASP A 196 -31.59 -8.90 -61.37
CA ASP A 196 -31.13 -9.11 -62.75
C ASP A 196 -29.97 -8.18 -63.13
N HIS A 197 -29.83 -7.07 -62.42
CA HIS A 197 -28.83 -6.05 -62.74
C HIS A 197 -27.52 -6.23 -61.98
N GLU A 198 -27.61 -6.76 -60.77
CA GLU A 198 -26.46 -6.76 -59.86
C GLU A 198 -26.23 -8.09 -59.20
N ALA A 199 -24.97 -8.27 -58.77
CA ALA A 199 -24.62 -9.39 -57.90
C ALA A 199 -23.62 -8.97 -56.84
N THR A 200 -23.59 -9.70 -55.74
CA THR A 200 -22.54 -9.55 -54.75
C THR A 200 -21.44 -10.57 -55.03
N LEU A 201 -20.19 -10.11 -55.11
CA LEU A 201 -19.05 -11.00 -55.07
C LEU A 201 -18.45 -10.92 -53.67
N ARG A 202 -18.36 -12.05 -53.00
CA ARG A 202 -17.83 -12.10 -51.63
C ARG A 202 -16.61 -12.98 -51.57
N CYS A 203 -15.48 -12.34 -51.27
CA CYS A 203 -14.23 -13.04 -51.19
C CYS A 203 -13.97 -13.49 -49.76
N TRP A 204 -13.88 -14.80 -49.56
CA TRP A 204 -13.77 -15.38 -48.24
C TRP A 204 -12.33 -15.72 -47.88
N ALA A 205 -12.00 -15.50 -46.60
CA ALA A 205 -10.74 -15.97 -46.04
C ALA A 205 -11.03 -16.70 -44.74
N LEU A 206 -10.69 -17.98 -44.70
CA LEU A 206 -11.02 -18.81 -43.54
C LEU A 206 -9.84 -19.58 -42.95
N GLY A 207 -9.95 -19.88 -41.66
CA GLY A 207 -9.01 -20.71 -40.95
C GLY A 207 -7.59 -20.16 -40.93
N PHE A 208 -7.45 -18.85 -40.96
CA PHE A 208 -6.11 -18.27 -40.95
C PHE A 208 -5.67 -17.77 -39.56
N TYR A 209 -4.35 -17.62 -39.43
CA TYR A 209 -3.72 -17.12 -38.24
C TYR A 209 -2.35 -16.63 -38.65
N PRO A 210 -1.95 -15.43 -38.19
CA PRO A 210 -2.63 -14.50 -37.27
C PRO A 210 -3.82 -13.80 -37.90
N ALA A 211 -4.51 -12.98 -37.13
CA ALA A 211 -5.72 -12.31 -37.60
C ALA A 211 -5.43 -11.30 -38.70
N GLU A 212 -4.29 -10.64 -38.61
CA GLU A 212 -3.89 -9.67 -39.62
C GLU A 212 -3.96 -10.28 -41.02
N ILE A 213 -4.60 -9.56 -41.94
CA ILE A 213 -4.83 -10.02 -43.30
C ILE A 213 -5.29 -8.85 -44.18
N THR A 214 -5.00 -8.91 -45.47
CA THR A 214 -5.51 -7.91 -46.39
C THR A 214 -6.31 -8.58 -47.49
N LEU A 215 -7.57 -8.17 -47.60
CA LEU A 215 -8.48 -8.63 -48.62
C LEU A 215 -8.92 -7.43 -49.42
N THR A 216 -8.71 -7.48 -50.73
CA THR A 216 -9.05 -6.36 -51.57
C THR A 216 -9.68 -6.86 -52.85
N TRP A 217 -10.58 -6.06 -53.37
CA TRP A 217 -11.15 -6.32 -54.66
C TRP A 217 -10.55 -5.35 -55.66
N GLN A 218 -10.21 -5.86 -56.84
N GLN A 218 -10.24 -5.85 -56.84
CA GLN A 218 -9.77 -5.02 -57.93
CA GLN A 218 -9.78 -5.00 -57.92
C GLN A 218 -10.75 -5.19 -59.08
C GLN A 218 -10.69 -5.21 -59.12
N ARG A 219 -10.88 -4.17 -59.91
CA ARG A 219 -11.68 -4.26 -61.12
C ARG A 219 -10.73 -3.89 -62.24
N ASP A 220 -10.62 -4.75 -63.24
CA ASP A 220 -9.60 -4.60 -64.28
C ASP A 220 -8.26 -4.27 -63.64
N GLY A 221 -7.98 -4.90 -62.50
CA GLY A 221 -6.70 -4.78 -61.83
C GLY A 221 -6.44 -3.41 -61.23
N GLU A 222 -7.50 -2.62 -61.07
CA GLU A 222 -7.37 -1.30 -60.49
C GLU A 222 -8.16 -1.20 -59.18
N ASP A 223 -7.65 -0.35 -58.29
CA ASP A 223 -8.12 -0.27 -56.92
C ASP A 223 -9.63 -0.15 -56.79
N GLN A 224 -10.20 -1.01 -55.94
CA GLN A 224 -11.63 -0.97 -55.63
C GLN A 224 -11.88 -0.84 -54.14
N THR A 225 -11.11 0.02 -53.49
CA THR A 225 -11.15 0.16 -52.04
C THR A 225 -12.47 0.75 -51.49
N GLN A 226 -12.68 2.05 -51.67
CA GLN A 226 -13.84 2.72 -51.07
C GLN A 226 -15.16 2.15 -51.62
N ASP A 227 -15.03 1.16 -52.50
CA ASP A 227 -16.20 0.44 -52.99
C ASP A 227 -16.29 -0.95 -52.36
N THR A 228 -15.42 -1.28 -51.40
CA THR A 228 -15.41 -2.63 -50.81
C THR A 228 -15.98 -2.71 -49.40
N GLU A 229 -16.88 -3.66 -49.17
CA GLU A 229 -17.33 -3.93 -47.82
C GLU A 229 -16.47 -4.99 -47.13
N LEU A 230 -15.79 -4.59 -46.06
CA LEU A 230 -14.99 -5.52 -45.26
C LEU A 230 -15.69 -5.75 -43.95
N VAL A 231 -16.01 -7.00 -43.61
CA VAL A 231 -16.47 -7.23 -42.25
C VAL A 231 -15.27 -7.30 -41.35
N GLU A 232 -15.51 -6.98 -40.09
CA GLU A 232 -14.51 -7.13 -39.04
C GLU A 232 -14.02 -8.57 -39.03
N THR A 233 -12.71 -8.74 -39.02
CA THR A 233 -12.11 -10.05 -38.81
C THR A 233 -12.75 -10.70 -37.59
N ARG A 234 -13.09 -11.97 -37.68
CA ARG A 234 -13.80 -12.62 -36.61
C ARG A 234 -13.12 -13.91 -36.21
N PRO A 235 -13.25 -14.30 -34.94
CA PRO A 235 -12.62 -15.55 -34.48
C PRO A 235 -13.46 -16.77 -34.81
N ALA A 236 -12.84 -17.81 -35.34
CA ALA A 236 -13.58 -19.03 -35.68
C ALA A 236 -13.93 -19.79 -34.42
N GLY A 237 -13.17 -19.53 -33.36
CA GLY A 237 -13.38 -20.18 -32.08
C GLY A 237 -12.36 -21.26 -31.79
N ASP A 238 -11.42 -21.43 -32.73
CA ASP A 238 -10.37 -22.41 -32.56
C ASP A 238 -9.03 -21.74 -32.76
N ARG A 239 -8.97 -20.43 -32.47
CA ARG A 239 -7.73 -19.66 -32.52
C ARG A 239 -7.37 -19.19 -33.92
N THR A 240 -8.16 -19.58 -34.91
CA THR A 240 -7.98 -19.00 -36.22
C THR A 240 -9.09 -18.00 -36.45
N PHE A 241 -8.94 -17.22 -37.51
CA PHE A 241 -9.89 -16.16 -37.78
C PHE A 241 -10.49 -16.25 -39.18
N GLN A 242 -11.52 -15.44 -39.39
CA GLN A 242 -12.24 -15.37 -40.65
C GLN A 242 -12.49 -13.90 -41.01
N LYS A 243 -12.60 -13.64 -42.31
CA LYS A 243 -12.94 -12.32 -42.81
C LYS A 243 -13.52 -12.50 -44.20
N TRP A 244 -14.41 -11.61 -44.61
CA TRP A 244 -14.76 -11.57 -46.01
C TRP A 244 -14.78 -10.17 -46.54
N ALA A 245 -14.63 -10.04 -47.85
CA ALA A 245 -14.67 -8.74 -48.49
C ALA A 245 -15.65 -8.79 -49.65
N ALA A 246 -16.39 -7.71 -49.86
CA ALA A 246 -17.50 -7.79 -50.79
C ALA A 246 -17.63 -6.55 -51.65
N VAL A 247 -17.93 -6.78 -52.92
CA VAL A 247 -18.25 -5.71 -53.86
C VAL A 247 -19.59 -6.02 -54.47
N VAL A 248 -20.33 -4.97 -54.78
CA VAL A 248 -21.54 -5.12 -55.56
C VAL A 248 -21.15 -4.74 -56.97
N VAL A 249 -21.32 -5.69 -57.88
CA VAL A 249 -20.89 -5.45 -59.25
C VAL A 249 -22.03 -5.68 -60.23
N PRO A 250 -21.97 -5.03 -61.40
CA PRO A 250 -22.98 -5.20 -62.44
C PRO A 250 -23.03 -6.66 -62.88
N SER A 251 -24.22 -7.20 -62.99
CA SER A 251 -24.38 -8.56 -63.46
C SER A 251 -23.73 -8.68 -64.83
N GLY A 252 -23.00 -9.77 -65.05
CA GLY A 252 -22.32 -9.98 -66.31
C GLY A 252 -20.96 -9.32 -66.38
N GLU A 253 -20.58 -8.61 -65.34
CA GLU A 253 -19.25 -8.00 -65.30
C GLU A 253 -18.33 -8.66 -64.26
N GLU A 254 -18.79 -9.77 -63.68
CA GLU A 254 -18.06 -10.42 -62.60
C GLU A 254 -16.60 -10.72 -62.93
N GLN A 255 -16.36 -11.06 -64.20
CA GLN A 255 -15.03 -11.48 -64.63
C GLN A 255 -13.99 -10.37 -64.65
N ARG A 256 -14.42 -9.13 -64.43
CA ARG A 256 -13.47 -8.02 -64.34
C ARG A 256 -12.94 -7.90 -62.91
N TYR A 257 -13.53 -8.65 -61.99
CA TYR A 257 -13.21 -8.48 -60.57
C TYR A 257 -12.37 -9.62 -60.02
N THR A 258 -11.24 -9.22 -59.45
CA THR A 258 -10.33 -10.17 -58.80
C THR A 258 -10.22 -9.85 -57.33
N CYS A 259 -10.24 -10.89 -56.51
CA CYS A 259 -10.01 -10.74 -55.10
C CYS A 259 -8.55 -11.00 -54.78
N HIS A 260 -7.98 -10.17 -53.91
CA HIS A 260 -6.57 -10.26 -53.58
C HIS A 260 -6.35 -10.44 -52.09
N VAL A 261 -5.53 -11.41 -51.75
CA VAL A 261 -5.43 -11.83 -50.38
C VAL A 261 -3.98 -11.84 -50.00
N GLN A 262 -3.62 -11.04 -49.00
CA GLN A 262 -2.29 -11.05 -48.45
C GLN A 262 -2.34 -11.48 -47.00
N HIS A 263 -1.43 -12.36 -46.64
CA HIS A 263 -1.42 -12.92 -45.31
C HIS A 263 -0.10 -13.61 -45.01
N GLU A 264 0.35 -13.51 -43.76
CA GLU A 264 1.68 -14.01 -43.40
C GLU A 264 1.90 -15.43 -43.87
N GLY A 265 0.83 -16.21 -43.93
CA GLY A 265 0.91 -17.62 -44.23
C GLY A 265 0.91 -17.95 -45.70
N LEU A 266 0.85 -16.91 -46.54
CA LEU A 266 0.91 -17.08 -47.98
C LEU A 266 2.27 -16.66 -48.50
N PRO A 267 3.00 -17.61 -49.10
CA PRO A 267 4.31 -17.33 -49.69
C PRO A 267 4.20 -16.13 -50.64
N LYS A 268 3.12 -16.13 -51.43
CA LYS A 268 2.86 -15.02 -52.34
C LYS A 268 1.37 -14.69 -52.31
N PRO A 269 1.04 -13.41 -52.50
CA PRO A 269 -0.36 -12.96 -52.46
C PRO A 269 -1.22 -13.72 -53.45
N LEU A 270 -2.51 -13.89 -53.13
CA LEU A 270 -3.42 -14.65 -53.98
C LEU A 270 -4.23 -13.72 -54.82
N THR A 271 -4.56 -14.17 -56.02
CA THR A 271 -5.60 -13.54 -56.84
C THR A 271 -6.68 -14.61 -57.09
N LEU A 272 -7.92 -14.28 -56.75
CA LEU A 272 -9.02 -15.20 -56.90
C LEU A 272 -10.07 -14.55 -57.76
N ARG A 273 -10.83 -15.36 -58.49
CA ARG A 273 -12.03 -14.89 -59.15
C ARG A 273 -13.20 -15.77 -58.79
N TRP A 274 -14.40 -15.27 -58.98
CA TRP A 274 -15.58 -16.11 -58.90
C TRP A 274 -15.49 -17.11 -60.05
N GLU A 275 -15.87 -18.36 -59.81
CA GLU A 275 -15.91 -19.38 -60.86
C GLU A 275 -17.20 -19.27 -61.68
N PRO A 276 -17.15 -18.50 -62.78
CA PRO A 276 -18.35 -17.95 -63.44
C PRO A 276 -19.30 -19.01 -64.02
N MET B 1 -20.96 9.06 -19.82
CA MET B 1 -20.82 7.67 -20.17
C MET B 1 -20.77 7.42 -21.69
N ILE B 2 -19.64 6.90 -22.15
CA ILE B 2 -19.54 6.44 -23.52
C ILE B 2 -20.42 5.19 -23.69
N GLN B 3 -21.15 5.15 -24.79
CA GLN B 3 -21.90 3.96 -25.14
C GLN B 3 -21.63 3.59 -26.58
N ARG B 4 -21.35 2.32 -26.80
CA ARG B 4 -21.08 1.85 -28.16
C ARG B 4 -21.90 0.60 -28.37
N THR B 5 -22.73 0.62 -29.41
CA THR B 5 -23.63 -0.48 -29.68
C THR B 5 -22.83 -1.62 -30.30
N PRO B 6 -23.14 -2.85 -29.90
CA PRO B 6 -22.37 -4.01 -30.35
C PRO B 6 -22.59 -4.37 -31.80
N LYS B 7 -21.51 -4.57 -32.53
CA LYS B 7 -21.54 -5.26 -33.82
C LYS B 7 -21.76 -6.75 -33.56
N ILE B 8 -22.45 -7.39 -34.48
CA ILE B 8 -22.83 -8.78 -34.33
C ILE B 8 -22.61 -9.54 -35.63
N GLN B 9 -21.92 -10.66 -35.56
CA GLN B 9 -21.82 -11.59 -36.68
C GLN B 9 -22.14 -12.97 -36.18
N VAL B 10 -22.95 -13.69 -36.95
CA VAL B 10 -23.33 -15.06 -36.60
C VAL B 10 -22.84 -15.96 -37.71
N TYR B 11 -22.16 -17.03 -37.34
CA TYR B 11 -21.47 -17.86 -38.33
C TYR B 11 -21.02 -19.16 -37.70
N SER B 12 -20.59 -20.11 -38.52
CA SER B 12 -20.14 -21.39 -37.99
C SER B 12 -18.63 -21.42 -37.94
N ARG B 13 -18.07 -22.17 -37.00
CA ARG B 13 -16.63 -22.34 -36.94
C ARG B 13 -16.13 -22.83 -38.29
N HIS B 14 -16.75 -23.90 -38.78
CA HIS B 14 -16.33 -24.55 -40.01
C HIS B 14 -17.41 -24.40 -41.04
N PRO B 15 -17.05 -24.58 -42.31
CA PRO B 15 -18.06 -24.46 -43.37
C PRO B 15 -19.23 -25.37 -43.06
N ALA B 16 -20.43 -24.81 -43.11
CA ALA B 16 -21.64 -25.51 -42.71
C ALA B 16 -21.97 -26.66 -43.66
N GLU B 17 -22.15 -27.84 -43.09
CA GLU B 17 -22.53 -29.01 -43.85
C GLU B 17 -23.63 -29.76 -43.13
N ASN B 18 -24.82 -29.77 -43.72
CA ASN B 18 -25.96 -30.42 -43.09
C ASN B 18 -25.60 -31.81 -42.60
N GLY B 19 -26.01 -32.13 -41.38
CA GLY B 19 -25.69 -33.40 -40.77
C GLY B 19 -24.30 -33.46 -40.12
N LYS B 20 -23.46 -32.48 -40.42
CA LYS B 20 -22.09 -32.45 -39.89
C LYS B 20 -21.95 -31.59 -38.62
N SER B 21 -21.62 -32.24 -37.49
CA SER B 21 -21.29 -31.52 -36.28
C SER B 21 -20.36 -30.34 -36.58
N ASN B 22 -20.61 -29.22 -35.91
CA ASN B 22 -19.92 -27.97 -36.17
C ASN B 22 -20.05 -27.09 -34.94
N PHE B 23 -19.71 -25.82 -35.06
CA PHE B 23 -19.86 -24.88 -33.95
C PHE B 23 -20.51 -23.60 -34.42
N LEU B 24 -21.61 -23.22 -33.75
CA LEU B 24 -22.29 -21.99 -34.09
C LEU B 24 -21.75 -20.84 -33.25
N ASN B 25 -21.26 -19.80 -33.92
CA ASN B 25 -20.69 -18.65 -33.23
C ASN B 25 -21.55 -17.41 -33.31
N CYS B 26 -21.53 -16.63 -32.24
CA CYS B 26 -22.04 -15.25 -32.26
C CYS B 26 -20.99 -14.28 -31.71
N TYR B 27 -20.33 -13.56 -32.60
CA TYR B 27 -19.27 -12.64 -32.20
C TYR B 27 -19.84 -11.25 -31.97
N VAL B 28 -19.83 -10.81 -30.72
CA VAL B 28 -20.25 -9.45 -30.41
C VAL B 28 -19.02 -8.59 -30.11
N SER B 29 -18.91 -7.47 -30.80
CA SER B 29 -17.74 -6.60 -30.67
C SER B 29 -18.10 -5.13 -30.69
N GLY B 30 -17.09 -4.29 -30.49
CA GLY B 30 -17.26 -2.84 -30.60
C GLY B 30 -18.24 -2.24 -29.62
N PHE B 31 -18.53 -2.94 -28.53
CA PHE B 31 -19.55 -2.43 -27.61
C PHE B 31 -19.02 -1.89 -26.30
N HIS B 32 -19.86 -1.08 -25.67
CA HIS B 32 -19.53 -0.44 -24.41
C HIS B 32 -20.81 0.17 -23.87
N PRO B 33 -21.06 -0.01 -22.56
CA PRO B 33 -20.25 -0.76 -21.60
C PRO B 33 -20.29 -2.26 -21.85
N SER B 34 -19.72 -3.02 -20.93
CA SER B 34 -19.45 -4.42 -21.18
C SER B 34 -20.65 -5.31 -20.92
N ASP B 35 -21.53 -4.91 -20.01
CA ASP B 35 -22.71 -5.70 -19.68
C ASP B 35 -23.49 -5.94 -20.94
N ILE B 36 -23.74 -7.21 -21.21
CA ILE B 36 -24.38 -7.58 -22.44
C ILE B 36 -25.10 -8.90 -22.29
N GLU B 37 -26.17 -9.07 -23.06
CA GLU B 37 -26.94 -10.30 -22.98
C GLU B 37 -26.97 -10.95 -24.35
N VAL B 38 -26.42 -12.15 -24.42
CA VAL B 38 -26.29 -12.84 -25.68
C VAL B 38 -26.83 -14.26 -25.59
N ASP B 39 -27.82 -14.58 -26.42
CA ASP B 39 -28.29 -15.96 -26.53
C ASP B 39 -28.21 -16.47 -27.97
N LEU B 40 -27.84 -17.72 -28.13
CA LEU B 40 -27.97 -18.38 -29.41
C LEU B 40 -29.34 -19.05 -29.45
N LEU B 41 -30.07 -18.84 -30.54
CA LEU B 41 -31.40 -19.42 -30.68
C LEU B 41 -31.42 -20.54 -31.71
N LYS B 42 -32.08 -21.64 -31.37
CA LYS B 42 -32.39 -22.67 -32.36
C LYS B 42 -33.88 -22.61 -32.60
N ASN B 43 -34.25 -22.23 -33.82
CA ASN B 43 -35.66 -22.06 -34.16
C ASN B 43 -36.35 -21.10 -33.21
N GLY B 44 -35.65 -20.05 -32.80
CA GLY B 44 -36.23 -19.03 -31.94
C GLY B 44 -36.26 -19.39 -30.47
N GLU B 45 -35.83 -20.60 -30.13
N GLU B 45 -35.82 -20.59 -30.12
CA GLU B 45 -35.72 -21.03 -28.74
CA GLU B 45 -35.76 -20.98 -28.71
C GLU B 45 -34.28 -20.93 -28.24
C GLU B 45 -34.33 -21.05 -28.18
N ARG B 46 -34.13 -20.49 -27.00
CA ARG B 46 -32.81 -20.35 -26.38
C ARG B 46 -32.03 -21.66 -26.30
N ILE B 47 -30.78 -21.63 -26.78
CA ILE B 47 -29.92 -22.79 -26.64
C ILE B 47 -29.29 -22.77 -25.27
N GLU B 48 -29.45 -23.88 -24.55
CA GLU B 48 -29.11 -23.96 -23.13
C GLU B 48 -27.61 -23.90 -22.87
N LYS B 49 -26.84 -24.72 -23.59
CA LYS B 49 -25.42 -24.83 -23.32
C LYS B 49 -24.59 -24.00 -24.27
N VAL B 50 -24.53 -22.71 -23.98
CA VAL B 50 -23.72 -21.79 -24.76
C VAL B 50 -22.57 -21.31 -23.90
N GLU B 51 -21.35 -21.44 -24.41
CA GLU B 51 -20.21 -20.86 -23.73
C GLU B 51 -19.81 -19.56 -24.43
N HIS B 52 -19.07 -18.74 -23.69
CA HIS B 52 -18.53 -17.52 -24.26
C HIS B 52 -17.09 -17.35 -23.82
N SER B 53 -16.36 -16.54 -24.57
CA SER B 53 -14.98 -16.27 -24.29
C SER B 53 -14.83 -15.34 -23.06
N ASP B 54 -13.59 -15.10 -22.65
CA ASP B 54 -13.33 -14.10 -21.62
C ASP B 54 -13.38 -12.72 -22.18
N LEU B 55 -14.16 -11.87 -21.53
CA LEU B 55 -14.24 -10.46 -21.85
C LEU B 55 -12.85 -9.89 -22.16
N SER B 56 -12.73 -9.31 -23.34
CA SER B 56 -11.49 -8.68 -23.72
C SER B 56 -11.90 -7.46 -24.52
N PHE B 57 -10.94 -6.70 -25.03
CA PHE B 57 -11.32 -5.49 -25.73
C PHE B 57 -10.29 -5.11 -26.77
N SER B 58 -10.65 -4.17 -27.63
CA SER B 58 -9.77 -3.75 -28.71
C SER B 58 -9.09 -2.45 -28.33
N LYS B 59 -8.15 -2.01 -29.16
CA LYS B 59 -7.38 -0.80 -28.90
C LYS B 59 -8.25 0.43 -28.59
N ASP B 60 -9.43 0.54 -29.21
CA ASP B 60 -10.32 1.65 -28.91
C ASP B 60 -11.15 1.41 -27.63
N TRP B 61 -10.77 0.38 -26.88
CA TRP B 61 -11.39 0.07 -25.59
C TRP B 61 -12.72 -0.64 -25.70
N SER B 62 -13.25 -0.76 -26.91
CA SER B 62 -14.53 -1.41 -27.10
C SER B 62 -14.40 -2.93 -26.88
N PHE B 63 -15.44 -3.54 -26.31
CA PHE B 63 -15.38 -4.95 -25.92
C PHE B 63 -15.77 -5.94 -27.02
N TYR B 64 -15.24 -7.16 -26.90
CA TYR B 64 -15.68 -8.25 -27.74
C TYR B 64 -15.78 -9.59 -26.97
N LEU B 65 -16.71 -10.41 -27.42
CA LEU B 65 -16.99 -11.70 -26.83
C LEU B 65 -17.40 -12.65 -27.95
N LEU B 66 -17.01 -13.91 -27.81
CA LEU B 66 -17.44 -14.94 -28.72
C LEU B 66 -18.38 -15.86 -27.98
N TYR B 67 -19.62 -15.93 -28.42
CA TYR B 67 -20.52 -16.94 -27.89
C TYR B 67 -20.61 -18.06 -28.91
N TYR B 68 -20.70 -19.28 -28.42
CA TYR B 68 -20.61 -20.44 -29.28
C TYR B 68 -21.19 -21.67 -28.60
N THR B 69 -21.58 -22.65 -29.38
CA THR B 69 -22.17 -23.84 -28.84
C THR B 69 -22.08 -24.89 -29.92
N GLU B 70 -21.90 -26.15 -29.53
CA GLU B 70 -21.84 -27.24 -30.50
C GLU B 70 -23.18 -27.37 -31.16
N PHE B 71 -23.18 -27.59 -32.46
CA PHE B 71 -24.44 -27.79 -33.14
C PHE B 71 -24.30 -28.58 -34.44
N THR B 72 -25.30 -29.41 -34.71
CA THR B 72 -25.40 -30.03 -36.03
C THR B 72 -26.49 -29.34 -36.82
N PRO B 73 -26.08 -28.57 -37.85
CA PRO B 73 -26.98 -27.84 -38.76
C PRO B 73 -27.75 -28.78 -39.68
N THR B 74 -28.89 -28.29 -40.17
CA THR B 74 -29.78 -29.04 -41.05
C THR B 74 -30.44 -28.03 -41.97
N GLU B 75 -31.00 -28.52 -43.07
CA GLU B 75 -31.70 -27.63 -43.99
C GLU B 75 -32.85 -26.90 -43.28
N LYS B 76 -33.58 -27.64 -42.44
CA LYS B 76 -34.80 -27.12 -41.80
C LYS B 76 -34.55 -26.20 -40.60
N ASP B 77 -33.56 -26.55 -39.77
CA ASP B 77 -33.27 -25.81 -38.55
C ASP B 77 -32.75 -24.39 -38.82
N GLU B 78 -33.30 -23.41 -38.11
CA GLU B 78 -32.85 -22.04 -38.22
C GLU B 78 -32.19 -21.63 -36.90
N TYR B 79 -31.03 -20.99 -37.02
CA TYR B 79 -30.31 -20.51 -35.84
C TYR B 79 -30.11 -19.01 -35.87
N ALA B 80 -30.08 -18.39 -34.71
CA ALA B 80 -29.87 -16.96 -34.66
C ALA B 80 -29.17 -16.56 -33.36
N CYS B 81 -28.79 -15.28 -33.30
CA CYS B 81 -28.18 -14.73 -32.11
C CYS B 81 -29.03 -13.55 -31.68
N ARG B 82 -29.45 -13.56 -30.43
CA ARG B 82 -30.19 -12.46 -29.85
C ARG B 82 -29.30 -11.73 -28.87
N VAL B 83 -29.11 -10.45 -29.12
CA VAL B 83 -28.24 -9.66 -28.29
C VAL B 83 -29.02 -8.50 -27.71
N ASN B 84 -28.95 -8.35 -26.39
CA ASN B 84 -29.46 -7.15 -25.77
C ASN B 84 -28.31 -6.34 -25.17
N HIS B 85 -28.48 -5.03 -25.15
CA HIS B 85 -27.45 -4.15 -24.66
C HIS B 85 -28.12 -2.86 -24.26
N VAL B 86 -27.42 -2.05 -23.47
CA VAL B 86 -28.00 -0.82 -22.98
C VAL B 86 -28.27 0.13 -24.13
N THR B 87 -27.46 0.04 -25.18
CA THR B 87 -27.63 0.88 -26.36
C THR B 87 -28.77 0.38 -27.24
N LEU B 88 -29.38 -0.73 -26.83
CA LEU B 88 -30.47 -1.34 -27.59
C LEU B 88 -31.81 -1.24 -26.87
N SER B 89 -32.77 -0.64 -27.57
CA SER B 89 -34.15 -0.53 -27.12
C SER B 89 -34.78 -1.90 -27.01
N GLN B 90 -34.64 -2.68 -28.07
CA GLN B 90 -35.17 -4.04 -28.15
C GLN B 90 -34.03 -5.01 -28.40
N PRO B 91 -34.12 -6.22 -27.82
CA PRO B 91 -33.09 -7.20 -28.11
C PRO B 91 -32.95 -7.35 -29.62
N LYS B 92 -31.73 -7.50 -30.08
CA LYS B 92 -31.45 -7.51 -31.51
C LYS B 92 -31.22 -8.95 -31.94
N ILE B 93 -31.93 -9.36 -32.97
CA ILE B 93 -31.80 -10.73 -33.44
C ILE B 93 -31.11 -10.73 -34.79
N VAL B 94 -30.05 -11.53 -34.88
CA VAL B 94 -29.35 -11.70 -36.15
C VAL B 94 -29.44 -13.15 -36.51
N LYS B 95 -30.02 -13.41 -37.68
CA LYS B 95 -30.21 -14.78 -38.11
C LYS B 95 -28.92 -15.33 -38.70
N TRP B 96 -28.65 -16.59 -38.39
CA TRP B 96 -27.51 -17.25 -39.01
C TRP B 96 -27.76 -17.44 -40.50
N ASP B 97 -26.84 -16.94 -41.32
CA ASP B 97 -26.95 -17.15 -42.75
C ASP B 97 -25.66 -17.77 -43.27
N ARG B 98 -25.74 -19.02 -43.72
CA ARG B 98 -24.56 -19.76 -44.20
C ARG B 98 -23.71 -18.98 -45.19
N ASP B 99 -24.30 -17.99 -45.84
CA ASP B 99 -23.59 -17.25 -46.86
C ASP B 99 -22.98 -15.96 -46.34
N MET B 100 -22.85 -15.86 -45.03
CA MET B 100 -22.13 -14.74 -44.43
C MET B 100 -21.48 -15.02 -43.07
N LYS C 1 4.17 -13.13 -18.68
CA LYS C 1 4.71 -12.72 -17.39
C LYS C 1 4.24 -11.30 -17.02
N ARG C 2 3.34 -11.22 -16.04
CA ARG C 2 2.71 -9.96 -15.63
C ARG C 2 3.61 -9.01 -14.85
N TRP C 3 3.27 -7.73 -14.92
CA TRP C 3 3.95 -6.69 -14.18
C TRP C 3 3.23 -6.36 -12.88
N ILE C 4 3.99 -6.00 -11.87
CA ILE C 4 3.38 -5.52 -10.63
C ILE C 4 4.36 -4.76 -9.77
N ILE C 5 3.87 -3.69 -9.17
CA ILE C 5 4.63 -2.98 -8.16
C ILE C 5 3.62 -2.52 -7.14
N LEU C 6 4.11 -2.13 -5.96
CA LEU C 6 3.25 -1.54 -4.96
C LEU C 6 2.97 -0.11 -5.37
N GLY C 7 1.88 0.46 -4.87
CA GLY C 7 1.65 1.88 -5.00
C GLY C 7 1.17 2.34 -6.35
N LEU C 8 0.43 1.50 -7.06
CA LEU C 8 -0.03 1.87 -8.38
C LEU C 8 -1.45 2.44 -8.35
N ASN C 9 -1.99 2.73 -7.16
CA ASN C 9 -3.37 3.21 -7.09
C ASN C 9 -3.56 4.46 -7.93
N LYS C 10 -4.70 4.60 -8.57
CA LYS C 10 -5.00 5.82 -9.31
C LYS C 10 -5.33 6.98 -8.35
N LYS D 1 9.35 -12.33 7.12
CA LYS D 1 10.33 -12.43 8.20
C LYS D 1 11.41 -11.32 8.16
N ILE D 2 11.46 -10.51 9.20
CA ILE D 2 12.41 -9.40 9.25
C ILE D 2 13.40 -9.63 10.36
N THR D 3 14.69 -9.60 10.03
CA THR D 3 15.71 -9.75 11.05
C THR D 3 16.49 -8.47 11.28
N GLN D 4 16.27 -7.87 12.45
CA GLN D 4 17.15 -6.82 12.94
C GLN D 4 18.01 -7.44 14.04
N THR D 5 19.27 -7.73 13.73
CA THR D 5 20.13 -8.44 14.68
C THR D 5 20.50 -7.56 15.87
N GLN D 6 20.48 -6.24 15.69
CA GLN D 6 20.95 -5.32 16.72
C GLN D 6 19.81 -4.84 17.60
N PRO D 7 19.78 -5.29 18.86
CA PRO D 7 18.75 -4.77 19.75
C PRO D 7 19.00 -3.29 20.01
N GLY D 8 20.26 -2.89 19.94
CA GLY D 8 20.65 -1.51 20.14
C GLY D 8 21.92 -1.16 19.38
N MET D 9 21.99 0.08 18.92
CA MET D 9 23.19 0.64 18.30
C MET D 9 23.44 1.98 19.00
N PHE D 10 24.70 2.35 19.15
CA PHE D 10 25.04 3.68 19.64
C PHE D 10 25.83 4.38 18.53
N VAL D 11 25.81 5.70 18.55
CA VAL D 11 26.54 6.50 17.58
C VAL D 11 26.84 7.88 18.15
N GLN D 12 28.01 8.40 17.83
CA GLN D 12 28.34 9.76 18.21
C GLN D 12 27.53 10.72 17.36
N GLU D 13 26.88 11.66 18.04
CA GLU D 13 26.16 12.72 17.39
C GLU D 13 26.97 13.24 16.21
N LYS D 14 26.25 13.61 15.14
CA LYS D 14 26.85 14.13 13.92
C LYS D 14 27.40 13.01 13.03
N GLU D 15 27.81 11.90 13.65
CA GLU D 15 28.21 10.75 12.86
C GLU D 15 27.03 10.05 12.20
N ALA D 16 27.34 9.23 11.21
CA ALA D 16 26.32 8.49 10.48
C ALA D 16 26.18 7.11 11.09
N VAL D 17 24.98 6.55 11.03
CA VAL D 17 24.81 5.22 11.58
C VAL D 17 23.98 4.35 10.66
N THR D 18 24.39 3.09 10.57
CA THR D 18 23.71 2.11 9.76
C THR D 18 23.03 1.10 10.67
N LEU D 19 21.73 0.99 10.51
CA LEU D 19 20.91 0.06 11.28
C LEU D 19 20.62 -1.15 10.39
N ASP D 20 21.03 -2.32 10.83
CA ASP D 20 20.93 -3.50 10.00
C ASP D 20 19.53 -4.06 9.90
N CYS D 21 19.21 -4.54 8.71
CA CYS D 21 17.99 -5.29 8.49
C CYS D 21 18.19 -6.33 7.41
N THR D 22 17.68 -7.52 7.66
CA THR D 22 17.57 -8.51 6.61
C THR D 22 16.15 -9.01 6.63
N TYR D 23 15.69 -9.42 5.46
CA TYR D 23 14.31 -9.82 5.32
C TYR D 23 14.27 -11.17 4.61
N ASP D 24 13.29 -11.98 4.95
CA ASP D 24 13.14 -13.26 4.30
C ASP D 24 11.85 -13.26 3.50
N THR D 25 11.97 -13.29 2.18
CA THR D 25 10.79 -13.41 1.34
C THR D 25 11.11 -14.26 0.13
N SER D 26 10.16 -15.11 -0.22
CA SER D 26 10.22 -15.85 -1.48
C SER D 26 9.73 -15.02 -2.67
N ASP D 27 8.76 -14.13 -2.44
CA ASP D 27 8.17 -13.32 -3.51
C ASP D 27 9.13 -12.37 -4.20
N GLN D 28 8.93 -12.19 -5.51
N GLN D 28 8.95 -12.17 -5.51
CA GLN D 28 9.75 -11.27 -6.30
CA GLN D 28 9.81 -11.23 -6.22
C GLN D 28 9.34 -9.82 -6.01
C GLN D 28 9.34 -9.80 -5.99
N SER D 29 8.12 -9.66 -5.51
CA SER D 29 7.55 -8.34 -5.26
C SER D 29 7.35 -8.05 -3.77
N TYR D 30 7.94 -6.96 -3.30
CA TYR D 30 7.76 -6.58 -1.91
C TYR D 30 8.20 -5.15 -1.71
N GLY D 31 7.89 -4.62 -0.53
CA GLY D 31 8.37 -3.32 -0.17
C GLY D 31 9.00 -3.35 1.20
N LEU D 32 10.11 -2.67 1.34
CA LEU D 32 10.73 -2.55 2.63
C LEU D 32 10.46 -1.16 3.15
N PHE D 33 10.22 -1.11 4.46
CA PHE D 33 9.80 0.10 5.12
C PHE D 33 10.63 0.27 6.38
N TRP D 34 10.96 1.52 6.69
CA TRP D 34 11.49 1.81 8.01
C TRP D 34 10.56 2.74 8.76
N TYR D 35 10.41 2.48 10.04
CA TYR D 35 9.63 3.32 10.93
C TYR D 35 10.48 3.66 12.12
N LYS D 36 10.22 4.83 12.67
CA LYS D 36 10.91 5.28 13.85
C LYS D 36 9.88 5.39 14.95
N GLN D 37 10.23 4.91 16.13
CA GLN D 37 9.34 5.03 17.25
C GLN D 37 10.09 5.70 18.35
N PRO D 38 9.83 6.99 18.58
CA PRO D 38 10.50 7.75 19.63
C PRO D 38 9.91 7.42 20.99
N SER D 39 10.47 7.97 22.05
CA SER D 39 10.04 7.63 23.40
C SER D 39 8.54 7.72 23.54
N SER D 40 7.96 8.78 22.98
CA SER D 40 6.53 9.03 23.10
C SER D 40 5.66 8.01 22.37
N GLY D 41 6.28 7.03 21.72
CA GLY D 41 5.56 5.87 21.21
C GLY D 41 4.96 5.89 19.80
N GLU D 42 4.92 7.03 19.12
CA GLU D 42 4.32 7.06 17.77
C GLU D 42 5.14 6.24 16.78
N MET D 43 4.52 5.93 15.64
CA MET D 43 5.19 5.23 14.57
C MET D 43 5.37 6.17 13.40
N ILE D 44 6.56 6.71 13.28
CA ILE D 44 6.86 7.65 12.21
C ILE D 44 7.46 6.91 11.01
N PHE D 45 6.72 6.90 9.90
CA PHE D 45 7.24 6.37 8.66
C PHE D 45 8.44 7.21 8.24
N LEU D 46 9.51 6.55 7.82
CA LEU D 46 10.73 7.23 7.42
C LEU D 46 11.02 7.07 5.95
N ILE D 47 10.88 5.87 5.42
CA ILE D 47 11.36 5.60 4.10
C ILE D 47 10.84 4.26 3.57
N TYR D 48 10.65 4.20 2.26
CA TYR D 48 10.15 3.00 1.59
C TYR D 48 11.00 2.64 0.35
N GLN D 49 11.18 1.34 0.14
CA GLN D 49 11.92 0.83 -1.01
C GLN D 49 11.11 -0.28 -1.67
N GLY D 50 10.85 -0.16 -2.97
CA GLY D 50 10.20 -1.23 -3.71
C GLY D 50 11.22 -2.21 -4.23
N SER D 51 10.85 -3.48 -4.27
CA SER D 51 11.80 -4.52 -4.69
C SER D 51 12.26 -4.32 -6.12
N TYR D 52 11.48 -3.55 -6.90
CA TYR D 52 11.81 -3.31 -8.30
C TYR D 52 12.39 -1.92 -8.54
N ASP D 53 12.61 -1.18 -7.45
CA ASP D 53 13.23 0.12 -7.58
C ASP D 53 14.73 -0.09 -7.66
N GLU D 54 15.34 0.36 -8.76
CA GLU D 54 16.77 0.17 -8.95
C GLU D 54 17.56 1.21 -8.16
N GLN D 55 16.98 2.39 -7.97
CA GLN D 55 17.61 3.40 -7.12
C GLN D 55 17.42 3.01 -5.67
N ASN D 56 18.35 3.41 -4.82
CA ASN D 56 18.18 3.19 -3.40
C ASN D 56 17.44 4.39 -2.86
N ALA D 57 16.45 4.15 -2.01
CA ALA D 57 15.59 5.23 -1.57
C ALA D 57 16.36 6.24 -0.75
N THR D 58 15.86 7.47 -0.75
CA THR D 58 16.41 8.51 0.07
C THR D 58 15.29 9.42 0.53
N GLU D 59 15.38 9.84 1.77
CA GLU D 59 14.40 10.75 2.33
C GLU D 59 15.18 11.50 3.41
N GLY D 60 15.38 12.79 3.21
CA GLY D 60 16.20 13.58 4.10
C GLY D 60 17.46 12.81 4.47
N ARG D 61 17.74 12.73 5.77
CA ARG D 61 18.95 12.08 6.29
C ARG D 61 18.89 10.53 6.24
N TYR D 62 17.74 10.01 5.84
CA TYR D 62 17.59 8.56 5.72
C TYR D 62 17.88 8.06 4.30
N SER D 63 18.65 6.97 4.22
CA SER D 63 18.93 6.29 2.98
C SER D 63 18.80 4.81 3.26
N LEU D 64 18.33 4.07 2.27
CA LEU D 64 18.14 2.66 2.47
C LEU D 64 19.07 1.92 1.51
N ASN D 65 20.09 1.28 2.08
CA ASN D 65 21.09 0.55 1.32
C ASN D 65 20.53 -0.81 0.93
N PHE D 66 19.69 -0.81 -0.09
CA PHE D 66 18.94 -1.99 -0.44
C PHE D 66 19.78 -2.91 -1.30
N GLN D 67 20.09 -4.07 -0.75
CA GLN D 67 20.82 -5.09 -1.49
C GLN D 67 19.92 -6.28 -1.73
N LYS D 68 19.26 -6.28 -2.88
CA LYS D 68 18.35 -7.36 -3.21
C LYS D 68 19.04 -8.73 -3.10
N ALA D 69 20.27 -8.82 -3.62
CA ALA D 69 21.00 -10.09 -3.62
C ALA D 69 21.36 -10.55 -2.21
N ARG D 70 21.93 -9.65 -1.42
CA ARG D 70 22.24 -9.95 -0.01
C ARG D 70 20.98 -9.99 0.85
N LYS D 71 19.87 -9.50 0.33
CA LYS D 71 18.61 -9.61 1.05
C LYS D 71 18.63 -8.75 2.30
N SER D 72 19.34 -7.63 2.20
CA SER D 72 19.46 -6.70 3.31
C SER D 72 18.86 -5.37 2.89
N ALA D 73 18.42 -4.61 3.88
CA ALA D 73 17.76 -3.34 3.62
C ALA D 73 18.13 -2.37 4.71
N ASN D 74 19.42 -2.17 4.88
CA ASN D 74 19.93 -1.35 5.97
C ASN D 74 19.54 0.12 5.85
N LEU D 75 19.08 0.69 6.96
CA LEU D 75 18.80 2.10 7.04
C LEU D 75 20.09 2.83 7.41
N VAL D 76 20.44 3.83 6.62
CA VAL D 76 21.55 4.66 7.01
C VAL D 76 21.03 6.01 7.37
N ILE D 77 21.39 6.47 8.57
CA ILE D 77 21.01 7.77 9.05
C ILE D 77 22.23 8.69 9.06
N SER D 78 22.22 9.68 8.18
CA SER D 78 23.31 10.64 8.10
C SER D 78 23.25 11.70 9.22
N ALA D 79 24.42 12.10 9.70
CA ALA D 79 24.54 13.21 10.67
C ALA D 79 23.58 13.00 11.84
N SER D 80 23.87 11.99 12.65
CA SER D 80 22.95 11.61 13.70
C SER D 80 22.66 12.78 14.63
N GLN D 81 21.40 12.97 15.00
CA GLN D 81 21.04 13.98 15.98
C GLN D 81 20.50 13.32 17.23
N LEU D 82 20.58 14.04 18.34
CA LEU D 82 20.06 13.55 19.60
C LEU D 82 18.61 13.10 19.42
N GLY D 83 17.84 13.88 18.67
CA GLY D 83 16.47 13.53 18.37
C GLY D 83 16.30 12.19 17.65
N ASP D 84 17.39 11.63 17.12
CA ASP D 84 17.32 10.34 16.44
C ASP D 84 17.28 9.16 17.39
N SER D 85 17.69 9.37 18.63
CA SER D 85 17.62 8.30 19.62
C SER D 85 16.18 7.80 19.71
N ALA D 86 15.97 6.54 19.35
CA ALA D 86 14.62 5.98 19.25
C ALA D 86 14.70 4.50 18.88
N MET D 87 13.54 3.86 18.77
CA MET D 87 13.44 2.50 18.23
C MET D 87 13.27 2.59 16.72
N TYR D 88 13.98 1.74 15.99
CA TYR D 88 13.84 1.73 14.53
C TYR D 88 13.35 0.40 14.03
N PHE D 89 12.22 0.42 13.35
CA PHE D 89 11.68 -0.83 12.84
C PHE D 89 11.88 -1.00 11.36
N CYS D 90 12.42 -2.15 11.00
CA CYS D 90 12.47 -2.57 9.63
C CYS D 90 11.21 -3.36 9.40
N ALA D 91 10.51 -3.09 8.31
CA ALA D 91 9.29 -3.83 8.01
C ALA D 91 9.10 -4.06 6.53
N MET D 92 8.22 -5.00 6.20
CA MET D 92 8.08 -5.45 4.82
C MET D 92 6.67 -5.96 4.57
N ARG D 93 6.20 -5.77 3.35
CA ARG D 93 4.96 -6.37 2.92
C ARG D 93 5.28 -7.10 1.62
N ASP D 94 4.68 -8.25 1.39
CA ASP D 94 4.96 -8.94 0.15
C ASP D 94 3.73 -9.51 -0.55
N LEU D 95 3.94 -9.98 -1.78
CA LEU D 95 2.88 -10.50 -2.62
C LEU D 95 2.06 -11.65 -1.99
N ARG D 96 2.69 -12.50 -1.18
CA ARG D 96 2.00 -13.69 -0.67
C ARG D 96 0.61 -13.40 -0.11
N ASP D 97 0.45 -12.24 0.53
CA ASP D 97 -0.85 -11.86 1.05
C ASP D 97 -1.30 -10.59 0.42
N ASN D 98 -0.85 -10.37 -0.81
CA ASN D 98 -1.28 -9.22 -1.59
C ASN D 98 -0.85 -7.94 -0.88
N PHE D 99 0.25 -8.02 -0.14
CA PHE D 99 0.80 -6.85 0.52
C PHE D 99 -0.05 -6.41 1.72
N ASN D 100 -0.79 -7.36 2.29
CA ASN D 100 -1.71 -7.01 3.37
C ASN D 100 -1.03 -6.64 4.68
N LYS D 101 -0.37 -7.62 5.29
CA LYS D 101 0.29 -7.44 6.58
C LYS D 101 1.62 -6.73 6.43
N PHE D 102 1.89 -5.85 7.38
CA PHE D 102 3.25 -5.43 7.66
C PHE D 102 3.92 -6.51 8.49
N TYR D 103 5.12 -6.90 8.10
CA TYR D 103 5.95 -7.74 8.95
C TYR D 103 7.04 -6.86 9.49
N PHE D 104 7.02 -6.64 10.80
CA PHE D 104 7.97 -5.76 11.48
C PHE D 104 9.07 -6.58 12.15
N GLY D 105 10.27 -6.04 12.18
CA GLY D 105 11.37 -6.65 12.89
C GLY D 105 11.26 -6.33 14.36
N SER D 106 12.17 -6.87 15.16
CA SER D 106 12.16 -6.67 16.62
C SER D 106 12.45 -5.23 16.93
N GLY D 107 13.21 -4.59 16.05
CA GLY D 107 13.53 -3.19 16.18
C GLY D 107 14.88 -2.96 16.82
N THR D 108 15.46 -1.80 16.54
CA THR D 108 16.77 -1.46 17.06
C THR D 108 16.71 -0.13 17.78
N LYS D 109 17.18 -0.11 19.02
N LYS D 109 17.16 -0.11 19.02
CA LYS D 109 17.22 1.11 19.79
CA LYS D 109 17.21 1.13 19.77
C LYS D 109 18.48 1.90 19.45
C LYS D 109 18.48 1.88 19.43
N LEU D 110 18.32 3.01 18.75
CA LEU D 110 19.43 3.87 18.40
C LEU D 110 19.74 4.79 19.56
N ASN D 111 20.94 4.67 20.12
CA ASN D 111 21.39 5.58 21.15
C ASN D 111 22.43 6.57 20.65
N VAL D 112 22.01 7.80 20.37
CA VAL D 112 22.94 8.83 19.92
C VAL D 112 23.62 9.50 21.12
N LYS D 113 24.92 9.28 21.24
CA LYS D 113 25.69 9.83 22.33
C LYS D 113 26.15 11.25 22.01
N PRO D 114 26.01 12.17 22.98
CA PRO D 114 26.48 13.54 22.75
C PRO D 114 28.01 13.61 22.78
N ASN D 115 28.59 14.52 22.01
CA ASN D 115 30.00 14.81 22.15
C ASN D 115 30.18 15.74 23.33
N ILE D 116 30.76 15.23 24.41
CA ILE D 116 30.89 16.07 25.59
C ILE D 116 32.20 16.83 25.55
N GLN D 117 32.09 18.13 25.30
CA GLN D 117 33.23 18.99 25.07
C GLN D 117 34.10 19.13 26.32
N ASN D 118 33.49 19.40 27.46
CA ASN D 118 34.23 19.53 28.70
C ASN D 118 33.55 18.84 29.88
N PRO D 119 33.83 17.55 30.04
CA PRO D 119 33.20 16.83 31.15
C PRO D 119 33.52 17.55 32.45
N ASP D 120 32.56 17.54 33.36
CA ASP D 120 32.77 18.14 34.65
C ASP D 120 31.93 17.36 35.64
N PRO D 121 32.27 16.09 35.83
CA PRO D 121 31.43 15.18 36.60
C PRO D 121 31.19 15.72 37.99
N ALA D 122 29.96 15.62 38.46
CA ALA D 122 29.56 16.20 39.73
C ALA D 122 28.23 15.62 40.19
N VAL D 123 28.07 15.49 41.50
CA VAL D 123 26.81 15.03 42.06
C VAL D 123 26.27 16.12 42.97
N TYR D 124 25.23 16.80 42.54
CA TYR D 124 24.65 17.88 43.32
C TYR D 124 23.45 17.39 44.05
N GLN D 125 23.12 18.03 45.17
CA GLN D 125 21.87 17.79 45.85
C GLN D 125 20.91 18.93 45.54
N LEU D 126 19.68 18.58 45.22
CA LEU D 126 18.66 19.59 44.96
C LEU D 126 17.55 19.43 45.97
N ARG D 127 16.97 20.55 46.39
CA ARG D 127 15.94 20.54 47.40
C ARG D 127 14.60 20.89 46.81
N ASP D 128 13.55 20.26 47.31
CA ASP D 128 12.19 20.54 46.86
C ASP D 128 11.86 22.02 47.12
N SER D 129 11.32 22.70 46.12
CA SER D 129 10.99 24.11 46.24
C SER D 129 9.84 24.30 47.19
N LYS D 130 9.23 23.18 47.60
CA LYS D 130 8.11 23.24 48.54
C LYS D 130 8.55 22.95 49.98
N SER D 131 7.77 23.49 50.92
CA SER D 131 8.04 23.32 52.35
C SER D 131 8.08 21.84 52.68
N SER D 132 9.00 21.14 52.03
CA SER D 132 9.25 19.72 52.28
C SER D 132 10.73 19.56 52.59
N ASP D 133 11.08 18.46 53.25
CA ASP D 133 12.49 18.15 53.45
C ASP D 133 12.87 17.05 52.49
N LYS D 134 12.19 17.00 51.36
CA LYS D 134 12.47 16.02 50.32
C LYS D 134 13.62 16.50 49.44
N SER D 135 14.43 15.55 49.00
CA SER D 135 15.63 15.92 48.28
C SER D 135 15.90 15.01 47.08
N VAL D 136 16.77 15.47 46.19
CA VAL D 136 17.10 14.75 44.98
C VAL D 136 18.58 14.83 44.70
N CYS D 137 19.13 13.76 44.15
CA CYS D 137 20.53 13.75 43.77
C CYS D 137 20.70 13.76 42.25
N LEU D 138 21.61 14.61 41.81
CA LEU D 138 21.80 14.84 40.39
C LEU D 138 23.25 14.60 40.03
N PHE D 139 23.50 13.47 39.38
CA PHE D 139 24.80 13.19 38.79
C PHE D 139 24.75 13.82 37.42
N THR D 140 25.65 14.76 37.15
CA THR D 140 25.59 15.53 35.92
C THR D 140 26.96 15.86 35.33
N ASP D 141 26.97 16.13 34.03
CA ASP D 141 28.14 16.64 33.32
C ASP D 141 29.24 15.58 33.12
N PHE D 142 28.88 14.31 33.26
CA PHE D 142 29.83 13.27 32.97
C PHE D 142 29.88 13.01 31.46
N ASP D 143 30.97 12.39 31.00
CA ASP D 143 31.12 12.14 29.58
C ASP D 143 30.31 10.92 29.16
N SER D 144 30.16 10.73 27.86
CA SER D 144 29.29 9.68 27.35
C SER D 144 29.87 8.29 27.56
N GLN D 145 31.09 8.21 28.07
CA GLN D 145 31.72 6.92 28.33
C GLN D 145 31.68 6.45 29.80
N THR D 146 31.09 7.25 30.68
CA THR D 146 30.74 6.73 31.99
C THR D 146 29.29 6.26 31.95
N ASN D 147 28.96 5.25 32.74
CA ASN D 147 27.63 4.70 32.72
C ASN D 147 26.99 4.72 34.09
N VAL D 148 25.67 4.87 34.13
CA VAL D 148 24.94 4.86 35.39
C VAL D 148 24.26 3.53 35.56
N SER D 149 24.69 2.77 36.55
CA SER D 149 24.02 1.53 36.87
C SER D 149 22.88 1.89 37.79
N GLN D 150 21.73 1.26 37.61
CA GLN D 150 20.65 1.45 38.56
C GLN D 150 21.12 0.86 39.88
N SER D 151 20.45 1.24 40.97
CA SER D 151 20.82 0.73 42.27
C SER D 151 20.58 -0.77 42.34
N LYS D 152 21.37 -1.45 43.17
CA LYS D 152 21.08 -2.83 43.51
C LYS D 152 20.25 -2.84 44.78
N ASP D 153 20.03 -1.66 45.36
CA ASP D 153 19.16 -1.56 46.52
C ASP D 153 17.81 -0.92 46.17
N SER D 154 16.75 -1.66 46.50
CA SER D 154 15.41 -1.41 46.03
C SER D 154 14.74 -0.14 46.56
N ASP D 155 15.31 0.48 47.58
CA ASP D 155 14.66 1.65 48.15
C ASP D 155 15.29 2.96 47.67
N VAL D 156 16.24 2.84 46.75
CA VAL D 156 16.88 4.00 46.15
C VAL D 156 16.61 3.99 44.66
N TYR D 157 16.04 5.08 44.15
CA TYR D 157 15.64 5.17 42.75
C TYR D 157 16.64 5.96 41.91
N ILE D 158 17.09 5.37 40.81
CA ILE D 158 18.09 6.00 39.94
C ILE D 158 17.70 5.92 38.46
N THR D 159 17.54 7.08 37.83
CA THR D 159 17.11 7.14 36.44
C THR D 159 18.27 6.85 35.52
N ASP D 160 17.99 6.36 34.32
CA ASP D 160 19.05 6.20 33.35
C ASP D 160 19.60 7.56 32.94
N LYS D 161 20.81 7.58 32.40
CA LYS D 161 21.39 8.83 31.98
C LYS D 161 20.54 9.45 30.89
N CYS D 162 20.50 10.77 30.91
CA CYS D 162 19.64 11.54 30.05
C CYS D 162 20.53 12.64 29.51
N VAL D 163 20.40 12.92 28.22
CA VAL D 163 21.16 14.01 27.62
C VAL D 163 20.22 15.18 27.43
N LEU D 164 20.54 16.32 28.00
CA LEU D 164 19.82 17.53 27.66
C LEU D 164 20.68 18.42 26.76
N ASP D 165 20.04 19.23 25.93
CA ASP D 165 20.76 20.06 24.99
C ASP D 165 20.27 21.51 25.08
N MET D 166 21.10 22.35 25.67
CA MET D 166 20.86 23.79 25.70
C MET D 166 21.26 24.33 24.33
N ARG D 167 20.28 24.43 23.45
CA ARG D 167 20.51 24.77 22.05
C ARG D 167 21.14 26.15 21.80
N SER D 168 20.67 27.17 22.51
CA SER D 168 21.20 28.51 22.29
C SER D 168 22.71 28.50 22.41
N MET D 169 23.24 27.75 23.38
CA MET D 169 24.69 27.66 23.53
C MET D 169 25.32 26.44 22.88
N ASP D 170 24.50 25.67 22.15
CA ASP D 170 24.96 24.40 21.62
C ASP D 170 25.65 23.62 22.72
N PHE D 171 25.07 23.63 23.91
CA PHE D 171 25.65 22.90 25.03
C PHE D 171 24.86 21.65 25.45
N LYS D 172 25.53 20.52 25.51
CA LYS D 172 24.86 19.28 25.86
C LYS D 172 25.50 18.72 27.11
N SER D 173 24.69 18.09 27.95
CA SER D 173 25.23 17.44 29.13
C SER D 173 24.34 16.26 29.54
N ASN D 174 24.98 15.23 30.10
CA ASN D 174 24.32 14.07 30.61
C ASN D 174 23.90 14.32 32.06
N SER D 175 22.77 13.75 32.47
CA SER D 175 22.48 13.67 33.88
C SER D 175 21.82 12.34 34.23
N ALA D 176 21.87 12.00 35.50
CA ALA D 176 21.09 10.89 36.02
C ALA D 176 20.61 11.35 37.39
N VAL D 177 19.36 11.05 37.71
CA VAL D 177 18.77 11.49 38.96
C VAL D 177 18.60 10.31 39.91
N ALA D 178 18.72 10.57 41.20
CA ALA D 178 18.58 9.55 42.22
C ALA D 178 17.91 10.12 43.47
N TRP D 179 16.98 9.37 44.02
CA TRP D 179 16.29 9.81 45.23
C TRP D 179 15.83 8.61 46.03
N SER D 180 15.72 8.79 47.34
CA SER D 180 15.32 7.70 48.22
C SER D 180 14.39 8.20 49.29
N ASN D 181 13.46 7.34 49.72
CA ASN D 181 12.67 7.62 50.91
C ASN D 181 13.57 7.44 52.13
N LYS D 182 14.49 6.48 52.04
CA LYS D 182 15.41 6.12 53.13
C LYS D 182 16.11 7.30 53.81
N SER D 183 16.84 7.02 54.88
CA SER D 183 17.42 8.06 55.72
C SER D 183 18.95 8.13 55.69
N ASP D 184 19.60 6.98 55.57
CA ASP D 184 21.05 6.95 55.45
C ASP D 184 21.46 7.48 54.08
N PHE D 185 20.47 7.68 53.21
CA PHE D 185 20.71 8.10 51.84
C PHE D 185 21.24 9.53 51.74
N ALA D 186 22.52 9.63 51.43
CA ALA D 186 23.12 10.90 51.10
C ALA D 186 23.63 10.80 49.67
N CYS D 187 23.82 11.95 49.03
CA CYS D 187 24.27 11.98 47.64
C CYS D 187 25.65 11.38 47.49
N ALA D 188 26.41 11.40 48.58
CA ALA D 188 27.79 10.93 48.57
C ALA D 188 27.84 9.43 48.36
N ASN D 189 26.68 8.78 48.45
CA ASN D 189 26.59 7.34 48.19
C ASN D 189 25.59 7.00 47.08
N ALA D 190 24.80 7.99 46.69
CA ALA D 190 23.72 7.82 45.72
C ALA D 190 24.08 6.99 44.50
N PHE D 191 25.24 7.24 43.93
CA PHE D 191 25.62 6.53 42.72
C PHE D 191 26.78 5.57 42.95
N ASN D 192 26.95 5.14 44.20
CA ASN D 192 27.99 4.17 44.49
C ASN D 192 27.95 2.97 43.54
N ASN D 193 26.75 2.58 43.13
CA ASN D 193 26.61 1.44 42.23
C ASN D 193 27.26 1.64 40.88
N SER D 194 27.33 2.89 40.45
CA SER D 194 27.97 3.23 39.20
C SER D 194 29.46 3.46 39.41
N ILE D 195 30.26 3.17 38.40
CA ILE D 195 31.65 3.61 38.44
C ILE D 195 31.72 5.04 37.92
N ILE D 196 31.92 5.96 38.84
CA ILE D 196 31.90 7.38 38.51
C ILE D 196 33.32 7.92 38.56
N PRO D 197 33.64 8.89 37.69
CA PRO D 197 34.95 9.52 37.67
C PRO D 197 35.49 9.77 39.08
N GLU D 198 36.77 9.50 39.29
CA GLU D 198 37.40 9.68 40.59
C GLU D 198 37.33 11.15 41.03
N ASP D 199 37.39 12.05 40.05
CA ASP D 199 37.34 13.48 40.30
C ASP D 199 35.91 14.05 40.30
N THR D 200 34.92 13.18 40.44
CA THR D 200 33.54 13.62 40.43
C THR D 200 33.28 14.56 41.60
N PHE D 201 32.88 15.79 41.28
CA PHE D 201 32.71 16.82 42.29
C PHE D 201 31.55 16.51 43.24
N PHE D 202 31.84 16.40 44.53
CA PHE D 202 30.83 16.27 45.58
C PHE D 202 30.92 17.47 46.48
N PRO D 203 30.09 18.48 46.22
CA PRO D 203 30.12 19.73 47.01
C PRO D 203 29.89 19.50 48.50
N SER D 204 30.32 20.46 49.33
CA SER D 204 30.16 20.35 50.78
C SER D 204 28.86 21.00 51.30
N GLY E 1 -2.60 13.52 9.07
CA GLY E 1 -2.99 12.32 8.33
C GLY E 1 -3.91 11.40 9.12
N VAL E 2 -3.32 10.50 9.88
CA VAL E 2 -4.11 9.58 10.71
C VAL E 2 -4.25 10.09 12.16
N THR E 3 -5.47 10.46 12.52
CA THR E 3 -5.78 10.87 13.88
C THR E 3 -6.40 9.72 14.68
N GLN E 4 -5.57 9.09 15.50
CA GLN E 4 -5.96 7.99 16.35
C GLN E 4 -6.13 8.46 17.79
N THR E 5 -7.22 8.06 18.43
CA THR E 5 -7.48 8.45 19.82
C THR E 5 -8.12 7.30 20.61
N PRO E 6 -7.95 7.32 21.94
CA PRO E 6 -7.13 8.27 22.69
C PRO E 6 -5.68 7.82 22.67
N LYS E 7 -4.75 8.70 23.03
CA LYS E 7 -3.35 8.31 23.06
C LYS E 7 -3.11 7.39 24.25
N PHE E 8 -3.94 7.55 25.28
CA PHE E 8 -3.80 6.75 26.50
C PHE E 8 -5.14 6.24 27.00
N GLN E 9 -5.13 5.06 27.59
CA GLN E 9 -6.36 4.50 28.10
C GLN E 9 -6.12 3.43 29.16
N VAL E 10 -6.75 3.63 30.32
CA VAL E 10 -6.78 2.59 31.33
C VAL E 10 -8.21 2.06 31.35
N LEU E 11 -8.33 0.74 31.31
CA LEU E 11 -9.64 0.09 31.26
C LEU E 11 -9.78 -0.95 32.36
N LYS E 12 -10.90 -0.89 33.06
CA LYS E 12 -11.25 -1.96 34.01
C LYS E 12 -11.69 -3.21 33.27
N THR E 13 -11.16 -4.35 33.69
CA THR E 13 -11.58 -5.62 33.14
C THR E 13 -13.10 -5.67 32.89
N GLY E 14 -13.50 -6.04 31.68
CA GLY E 14 -14.91 -6.18 31.36
C GLY E 14 -15.55 -4.94 30.75
N GLN E 15 -14.84 -3.82 30.79
CA GLN E 15 -15.40 -2.60 30.24
C GLN E 15 -15.25 -2.56 28.72
N SER E 16 -16.15 -1.86 28.06
CA SER E 16 -16.05 -1.64 26.62
C SER E 16 -15.16 -0.45 26.36
N MET E 17 -14.78 -0.28 25.09
CA MET E 17 -14.11 0.95 24.66
C MET E 17 -13.95 0.92 23.17
N THR E 18 -14.03 2.11 22.57
CA THR E 18 -13.83 2.22 21.15
C THR E 18 -12.60 3.07 20.92
N LEU E 19 -11.56 2.46 20.37
CA LEU E 19 -10.41 3.23 19.90
C LEU E 19 -10.82 3.89 18.60
N GLN E 20 -10.57 5.19 18.49
CA GLN E 20 -11.02 5.92 17.31
C GLN E 20 -9.89 6.12 16.31
N CYS E 21 -10.24 6.09 15.02
CA CYS E 21 -9.25 6.35 13.98
C CYS E 21 -9.88 6.95 12.73
N ALA E 22 -9.40 8.12 12.37
CA ALA E 22 -9.88 8.80 11.20
C ALA E 22 -8.67 9.22 10.38
N GLN E 23 -8.85 9.27 9.08
CA GLN E 23 -7.78 9.71 8.21
C GLN E 23 -8.40 10.72 7.27
N ASP E 24 -7.67 11.80 6.98
CA ASP E 24 -8.14 12.83 6.05
C ASP E 24 -7.41 12.72 4.71
N MET E 25 -7.07 11.50 4.32
CA MET E 25 -6.23 11.29 3.14
C MET E 25 -6.95 10.53 2.01
N ASN E 26 -8.26 10.34 2.16
CA ASN E 26 -9.03 9.60 1.17
C ASN E 26 -8.45 8.21 0.98
N HIS E 27 -7.95 7.64 2.07
CA HIS E 27 -7.35 6.32 2.04
C HIS E 27 -8.42 5.25 2.00
N GLU E 28 -8.20 4.23 1.18
CA GLU E 28 -9.17 3.16 1.07
C GLU E 28 -8.88 2.10 2.11
N TYR E 29 -7.62 2.01 2.52
CA TYR E 29 -7.21 0.91 3.37
C TYR E 29 -6.96 1.37 4.79
N MET E 30 -7.61 0.72 5.74
CA MET E 30 -7.33 1.01 7.15
C MET E 30 -7.16 -0.28 7.93
N SER E 31 -6.32 -0.25 8.95
CA SER E 31 -6.04 -1.44 9.72
C SER E 31 -5.69 -1.10 11.17
N TRP E 32 -5.75 -2.11 12.03
CA TRP E 32 -5.38 -1.95 13.43
C TRP E 32 -4.33 -2.98 13.76
N TYR E 33 -3.25 -2.53 14.35
CA TYR E 33 -2.25 -3.44 14.87
C TYR E 33 -2.18 -3.24 16.37
N ARG E 34 -1.73 -4.27 17.06
CA ARG E 34 -1.31 -4.08 18.43
C ARG E 34 0.17 -4.41 18.45
N GLN E 35 0.92 -3.62 19.22
CA GLN E 35 2.34 -3.84 19.38
C GLN E 35 2.58 -4.47 20.75
N ASP E 36 3.18 -5.66 20.74
CA ASP E 36 3.48 -6.38 21.98
C ASP E 36 4.89 -6.96 21.97
N PRO E 37 5.62 -6.80 23.09
CA PRO E 37 6.98 -7.33 23.22
C PRO E 37 7.10 -8.76 22.72
N GLY E 38 8.02 -8.98 21.79
CA GLY E 38 8.29 -10.31 21.28
C GLY E 38 7.29 -10.77 20.24
N MET E 39 6.25 -9.97 20.02
CA MET E 39 5.18 -10.36 19.10
C MET E 39 5.19 -9.52 17.84
N GLY E 40 6.09 -8.54 17.80
CA GLY E 40 6.21 -7.65 16.65
C GLY E 40 4.91 -6.88 16.54
N LEU E 41 4.55 -6.49 15.33
CA LEU E 41 3.26 -5.85 15.13
C LEU E 41 2.27 -6.84 14.55
N ARG E 42 1.22 -7.12 15.32
CA ARG E 42 0.21 -8.05 14.82
C ARG E 42 -1.00 -7.32 14.29
N LEU E 43 -1.45 -7.76 13.13
CA LEU E 43 -2.66 -7.23 12.54
C LEU E 43 -3.87 -7.75 13.32
N ILE E 44 -4.82 -6.87 13.62
CA ILE E 44 -6.03 -7.27 14.32
C ILE E 44 -7.20 -7.42 13.36
N HIS E 45 -7.51 -6.34 12.67
CA HIS E 45 -8.54 -6.28 11.64
C HIS E 45 -8.07 -5.32 10.58
N TYR E 46 -8.67 -5.37 9.40
CA TYR E 46 -8.36 -4.37 8.39
C TYR E 46 -9.53 -4.18 7.46
N SER E 47 -9.49 -3.10 6.71
CA SER E 47 -10.60 -2.74 5.86
C SER E 47 -10.03 -2.18 4.58
N VAL E 48 -10.29 -2.88 3.49
CA VAL E 48 -9.79 -2.52 2.17
C VAL E 48 -10.68 -1.49 1.52
N GLY E 49 -11.77 -1.15 2.19
CA GLY E 49 -12.68 -0.13 1.68
C GLY E 49 -13.90 0.02 2.55
N ALA E 50 -14.71 1.04 2.27
CA ALA E 50 -15.88 1.32 3.09
C ALA E 50 -16.92 0.22 2.98
N GLY E 51 -17.20 -0.45 4.09
CA GLY E 51 -18.20 -1.50 4.09
C GLY E 51 -17.56 -2.87 4.11
N ILE E 52 -16.24 -2.89 3.98
CA ILE E 52 -15.50 -4.13 4.03
C ILE E 52 -14.51 -4.16 5.19
N THR E 53 -14.61 -5.18 6.02
CA THR E 53 -13.62 -5.40 7.05
C THR E 53 -13.29 -6.88 7.03
N ASP E 54 -12.09 -7.22 7.46
CA ASP E 54 -11.69 -8.60 7.56
C ASP E 54 -10.83 -8.81 8.81
N GLN E 55 -10.65 -10.05 9.18
CA GLN E 55 -9.96 -10.41 10.40
C GLN E 55 -8.49 -10.53 10.15
N GLY E 56 -7.68 -9.93 11.01
CA GLY E 56 -6.25 -10.06 10.92
C GLY E 56 -5.78 -11.34 11.59
N GLU E 57 -4.61 -11.24 12.22
CA GLU E 57 -3.94 -12.35 12.87
C GLU E 57 -4.55 -12.64 14.25
N VAL E 58 -5.04 -11.59 14.88
CA VAL E 58 -5.64 -11.68 16.20
C VAL E 58 -6.91 -10.81 16.24
N PRO E 59 -7.99 -11.29 15.62
CA PRO E 59 -9.22 -10.50 15.60
C PRO E 59 -10.04 -10.67 16.88
N ASN E 60 -9.75 -11.69 17.67
CA ASN E 60 -10.64 -12.07 18.78
C ASN E 60 -10.64 -11.11 19.94
N GLY E 61 -11.83 -10.67 20.33
CA GLY E 61 -11.97 -9.69 21.38
C GLY E 61 -12.17 -8.32 20.77
N TYR E 62 -11.98 -8.24 19.45
CA TYR E 62 -12.17 -6.98 18.78
C TYR E 62 -13.22 -7.09 17.71
N ASN E 63 -13.94 -6.02 17.48
CA ASN E 63 -14.71 -5.90 16.26
C ASN E 63 -14.40 -4.55 15.66
N VAL E 64 -14.57 -4.42 14.35
CA VAL E 64 -14.34 -3.16 13.66
C VAL E 64 -15.53 -2.87 12.76
N SER E 65 -15.62 -1.64 12.32
CA SER E 65 -16.62 -1.29 11.33
C SER E 65 -16.00 -0.29 10.36
N ARG E 66 -16.53 -0.23 9.15
CA ARG E 66 -16.05 0.74 8.17
C ARG E 66 -17.24 1.42 7.52
N SER E 67 -17.95 2.23 8.29
CA SER E 67 -19.12 2.91 7.77
C SER E 67 -18.72 3.88 6.69
N THR E 68 -17.65 4.64 6.96
CA THR E 68 -17.08 5.53 5.95
C THR E 68 -15.62 5.21 5.72
N THR E 69 -15.10 5.67 4.60
CA THR E 69 -13.69 5.45 4.31
C THR E 69 -12.83 6.19 5.32
N GLU E 70 -13.34 7.29 5.88
CA GLU E 70 -12.56 8.13 6.78
C GLU E 70 -12.28 7.52 8.16
N ASP E 71 -13.20 6.70 8.65
CA ASP E 71 -13.10 6.18 10.01
C ASP E 71 -13.03 4.67 10.12
N PHE E 72 -12.22 4.20 11.04
CA PHE E 72 -12.09 2.77 11.27
C PHE E 72 -12.01 2.52 12.77
N PRO E 73 -13.13 2.68 13.47
CA PRO E 73 -13.15 2.54 14.94
C PRO E 73 -12.94 1.10 15.36
N LEU E 74 -12.07 0.89 16.34
CA LEU E 74 -11.78 -0.43 16.86
C LEU E 74 -12.50 -0.60 18.18
N ARG E 75 -13.21 -1.72 18.33
CA ARG E 75 -14.10 -1.84 19.47
C ARG E 75 -13.72 -3.01 20.38
N LEU E 76 -13.53 -2.73 21.66
CA LEU E 76 -13.32 -3.78 22.65
C LEU E 76 -14.54 -3.89 23.53
N LEU E 77 -15.43 -4.78 23.13
CA LEU E 77 -16.67 -5.06 23.83
C LEU E 77 -16.46 -5.40 25.31
N SER E 78 -15.44 -6.20 25.61
CA SER E 78 -15.21 -6.63 26.97
C SER E 78 -13.72 -6.72 27.29
N ALA E 79 -13.19 -5.65 27.85
CA ALA E 79 -11.76 -5.55 28.15
C ALA E 79 -11.21 -6.72 28.95
N ALA E 80 -10.08 -7.24 28.50
CA ALA E 80 -9.39 -8.31 29.19
C ALA E 80 -7.94 -7.89 29.41
N PRO E 81 -7.33 -8.38 30.50
CA PRO E 81 -5.93 -8.09 30.79
C PRO E 81 -5.04 -8.38 29.57
N SER E 82 -5.27 -9.49 28.88
CA SER E 82 -4.51 -9.81 27.68
C SER E 82 -4.48 -8.64 26.70
N GLN E 83 -5.59 -7.91 26.61
CA GLN E 83 -5.71 -6.81 25.68
C GLN E 83 -4.90 -5.59 26.11
N THR E 84 -4.12 -5.74 27.17
CA THR E 84 -3.21 -4.67 27.53
C THR E 84 -2.13 -4.65 26.46
N SER E 85 -1.95 -3.50 25.82
CA SER E 85 -1.06 -3.43 24.67
C SER E 85 -0.91 -2.01 24.16
N VAL E 86 -0.19 -1.85 23.05
CA VAL E 86 -0.14 -0.57 22.38
C VAL E 86 -0.77 -0.76 21.01
N TYR E 87 -1.82 0.00 20.73
CA TYR E 87 -2.56 -0.19 19.49
C TYR E 87 -2.24 0.87 18.45
N PHE E 88 -2.02 0.44 17.23
CA PHE E 88 -1.80 1.39 16.16
C PHE E 88 -2.82 1.24 15.07
N CYS E 89 -3.45 2.36 14.75
CA CYS E 89 -4.26 2.45 13.55
C CYS E 89 -3.35 2.82 12.38
N ALA E 90 -3.45 2.05 11.29
CA ALA E 90 -2.66 2.32 10.09
C ALA E 90 -3.56 2.53 8.89
N SER E 91 -3.20 3.46 8.03
CA SER E 91 -3.98 3.70 6.84
C SER E 91 -3.05 3.78 5.64
N ARG E 92 -3.60 3.63 4.46
CA ARG E 92 -2.83 3.75 3.22
C ARG E 92 -3.76 3.79 2.05
N GLU E 93 -3.24 4.22 0.91
CA GLU E 93 -4.05 4.48 -0.26
C GLU E 93 -4.82 3.23 -0.70
N GLY E 94 -4.20 2.07 -0.59
CA GLY E 94 -4.86 0.83 -0.98
C GLY E 94 -4.15 -0.39 -0.41
N LEU E 95 -4.70 -1.57 -0.67
CA LEU E 95 -4.10 -2.78 -0.16
C LEU E 95 -2.61 -2.80 -0.52
N GLY E 96 -2.31 -2.44 -1.77
CA GLY E 96 -0.95 -2.43 -2.27
C GLY E 96 -0.26 -1.08 -2.16
N GLY E 97 -0.74 -0.23 -1.26
CA GLY E 97 -0.18 1.10 -1.14
C GLY E 97 1.16 1.13 -0.41
N THR E 98 1.94 2.18 -0.70
CA THR E 98 3.21 2.43 -0.03
C THR E 98 3.18 3.61 0.96
N GLU E 99 2.13 4.42 0.91
CA GLU E 99 2.01 5.52 1.87
C GLU E 99 1.46 4.96 3.19
N ALA E 100 2.29 4.21 3.90
CA ALA E 100 1.84 3.52 5.11
C ALA E 100 2.00 4.38 6.38
N PHE E 101 0.97 5.14 6.73
CA PHE E 101 1.01 6.06 7.86
C PHE E 101 0.33 5.49 9.09
N PHE E 102 1.09 5.37 10.17
CA PHE E 102 0.56 4.89 11.45
C PHE E 102 0.03 6.02 12.35
N GLY E 103 -0.93 5.72 13.21
CA GLY E 103 -1.46 6.71 14.12
C GLY E 103 -0.53 6.96 15.30
N GLN E 104 -0.88 7.91 16.15
CA GLN E 104 -0.02 8.22 17.29
C GLN E 104 0.08 7.04 18.23
N GLY E 105 -0.89 6.14 18.14
CA GLY E 105 -0.92 4.97 18.98
C GLY E 105 -1.83 5.20 20.17
N THR E 106 -2.41 4.12 20.66
CA THR E 106 -3.19 4.14 21.88
C THR E 106 -2.58 3.17 22.84
N ARG E 107 -2.05 3.67 23.95
CA ARG E 107 -1.44 2.81 24.96
C ARG E 107 -2.52 2.35 25.94
N LEU E 108 -2.89 1.09 25.87
CA LEU E 108 -4.02 0.60 26.66
C LEU E 108 -3.60 -0.25 27.84
N THR E 109 -4.11 0.10 29.01
CA THR E 109 -3.85 -0.71 30.19
C THR E 109 -5.15 -1.23 30.75
N VAL E 110 -5.25 -2.56 30.81
CA VAL E 110 -6.44 -3.16 31.38
C VAL E 110 -6.15 -3.55 32.82
N VAL E 111 -6.86 -2.93 33.74
CA VAL E 111 -6.65 -3.24 35.15
C VAL E 111 -7.80 -4.08 35.69
N GLU E 112 -7.44 -4.97 36.60
CA GLU E 112 -8.39 -5.76 37.36
C GLU E 112 -9.26 -4.82 38.20
N ASP E 113 -8.62 -3.91 38.92
CA ASP E 113 -9.32 -3.03 39.83
C ASP E 113 -8.79 -1.59 39.75
N LEU E 114 -9.66 -0.67 39.36
CA LEU E 114 -9.31 0.74 39.23
C LEU E 114 -8.67 1.35 40.48
N ASN E 115 -8.80 0.70 41.63
CA ASN E 115 -8.18 1.21 42.84
C ASN E 115 -6.67 1.29 42.71
N LYS E 116 -6.14 0.79 41.61
CA LYS E 116 -4.70 0.79 41.37
C LYS E 116 -4.30 2.07 40.65
N VAL E 117 -5.30 2.77 40.14
CA VAL E 117 -5.05 3.99 39.40
C VAL E 117 -4.74 5.13 40.35
N PHE E 118 -3.54 5.71 40.21
CA PHE E 118 -3.08 6.82 41.04
C PHE E 118 -2.53 7.94 40.19
N PRO E 119 -2.95 9.17 40.49
CA PRO E 119 -2.38 10.30 39.74
C PRO E 119 -0.96 10.57 40.23
N PRO E 120 -0.18 11.30 39.44
CA PRO E 120 1.17 11.61 39.92
C PRO E 120 1.15 12.67 41.01
N GLU E 121 2.11 12.58 41.91
CA GLU E 121 2.49 13.77 42.66
C GLU E 121 3.71 14.37 41.98
N VAL E 122 3.74 15.69 41.92
CA VAL E 122 4.78 16.37 41.16
C VAL E 122 5.52 17.29 42.09
N ALA E 123 6.84 17.23 42.02
CA ALA E 123 7.68 18.14 42.78
C ALA E 123 8.73 18.74 41.86
N VAL E 124 9.10 19.99 42.15
CA VAL E 124 10.22 20.62 41.46
C VAL E 124 11.34 20.82 42.46
N PHE E 125 12.54 20.45 42.07
CA PHE E 125 13.69 20.55 42.93
C PHE E 125 14.60 21.63 42.37
N GLU E 126 14.87 22.63 43.19
CA GLU E 126 15.60 23.82 42.76
C GLU E 126 17.07 23.53 42.53
N PRO E 127 17.70 24.33 41.67
CA PRO E 127 19.12 24.13 41.35
C PRO E 127 20.01 24.28 42.58
N SER E 128 20.93 23.35 42.76
CA SER E 128 21.96 23.43 43.78
C SER E 128 22.77 24.73 43.60
N GLU E 129 23.04 25.41 44.71
CA GLU E 129 23.91 26.57 44.68
C GLU E 129 25.32 26.12 44.28
N ALA E 130 25.67 24.90 44.65
CA ALA E 130 26.97 24.36 44.28
C ALA E 130 27.10 24.22 42.77
N GLU E 131 26.05 23.81 42.07
CA GLU E 131 26.11 23.67 40.62
C GLU E 131 26.24 25.06 40.01
N ILE E 132 25.40 25.97 40.49
CA ILE E 132 25.37 27.35 40.05
C ILE E 132 26.77 27.97 40.13
N SER E 133 27.45 27.71 41.24
CA SER E 133 28.77 28.24 41.52
C SER E 133 29.84 27.53 40.69
N HIS E 134 29.70 26.22 40.57
CA HIS E 134 30.67 25.42 39.84
C HIS E 134 30.53 25.52 38.30
N THR E 135 29.30 25.71 37.81
CA THR E 135 29.07 25.61 36.36
C THR E 135 28.50 26.87 35.77
N GLN E 136 28.01 27.75 36.63
CA GLN E 136 27.30 28.91 36.15
C GLN E 136 26.06 28.43 35.43
N LYS E 137 25.74 27.16 35.65
CA LYS E 137 24.47 26.61 35.15
C LYS E 137 23.55 26.24 36.30
N ALA E 138 22.28 26.10 36.00
CA ALA E 138 21.34 25.77 37.06
C ALA E 138 20.39 24.68 36.60
N THR E 139 20.48 23.52 37.21
CA THR E 139 19.58 22.46 36.81
C THR E 139 18.40 22.28 37.74
N LEU E 140 17.20 22.47 37.18
CA LEU E 140 15.99 22.13 37.91
C LEU E 140 15.60 20.70 37.57
N VAL E 141 15.08 20.01 38.56
CA VAL E 141 14.58 18.67 38.35
C VAL E 141 13.15 18.57 38.79
N CYS E 142 12.34 18.02 37.90
CA CYS E 142 10.97 17.73 38.21
C CYS E 142 10.83 16.24 38.46
N LEU E 143 10.07 15.89 39.49
CA LEU E 143 9.87 14.49 39.83
C LEU E 143 8.39 14.20 39.89
N ALA E 144 7.90 13.35 38.97
CA ALA E 144 6.53 12.84 39.04
C ALA E 144 6.60 11.45 39.63
N THR E 145 5.86 11.24 40.71
CA THR E 145 5.94 9.99 41.45
C THR E 145 4.57 9.42 41.82
N GLY E 146 4.56 8.13 42.17
CA GLY E 146 3.37 7.49 42.71
C GLY E 146 2.25 7.27 41.72
N PHE E 147 2.53 7.39 40.42
CA PHE E 147 1.45 7.29 39.44
C PHE E 147 1.26 5.91 38.81
N TYR E 148 0.03 5.68 38.36
CA TYR E 148 -0.35 4.46 37.68
C TYR E 148 -1.67 4.69 36.98
N PRO E 149 -1.74 4.29 35.70
CA PRO E 149 -0.68 3.59 35.00
C PRO E 149 0.34 4.59 34.41
N ASP E 150 1.28 4.07 33.63
CA ASP E 150 2.35 4.81 32.94
C ASP E 150 1.92 6.00 32.07
N HIS E 151 0.68 6.43 32.15
CA HIS E 151 0.11 7.35 31.16
C HIS E 151 0.30 8.84 31.46
N VAL E 152 1.54 9.30 31.44
CA VAL E 152 1.81 10.72 31.67
C VAL E 152 2.57 11.41 30.53
N GLU E 153 2.40 12.72 30.46
CA GLU E 153 3.11 13.59 29.54
C GLU E 153 3.64 14.71 30.40
N LEU E 154 4.96 14.86 30.42
CA LEU E 154 5.61 15.81 31.30
C LEU E 154 6.17 16.93 30.47
N SER E 155 5.85 18.16 30.87
CA SER E 155 6.30 19.35 30.16
C SER E 155 6.85 20.42 31.11
N TRP E 156 7.84 21.16 30.65
CA TRP E 156 8.35 22.32 31.38
C TRP E 156 7.78 23.61 30.79
N TRP E 157 7.43 24.54 31.67
CA TRP E 157 6.90 25.84 31.27
C TRP E 157 7.71 26.95 31.94
N VAL E 158 8.29 27.82 31.12
CA VAL E 158 9.11 28.90 31.63
C VAL E 158 8.42 30.21 31.28
N ASN E 159 8.09 30.99 32.30
CA ASN E 159 7.38 32.23 32.05
C ASN E 159 6.15 32.03 31.16
N GLY E 160 5.52 30.86 31.29
CA GLY E 160 4.24 30.61 30.65
C GLY E 160 4.30 30.01 29.25
N LYS E 161 5.48 29.59 28.83
CA LYS E 161 5.62 28.97 27.53
C LYS E 161 6.27 27.61 27.69
N GLU E 162 5.72 26.61 27.01
CA GLU E 162 6.38 25.31 26.99
C GLU E 162 7.80 25.50 26.43
N VAL E 163 8.77 24.87 27.07
CA VAL E 163 10.15 25.01 26.64
C VAL E 163 10.68 23.61 26.35
N HIS E 164 11.61 23.52 25.41
CA HIS E 164 12.21 22.22 25.11
C HIS E 164 13.72 22.26 25.23
N SER E 165 14.30 23.39 24.83
CA SER E 165 15.72 23.56 24.95
C SER E 165 16.08 23.28 26.41
N GLY E 166 17.20 22.61 26.63
CA GLY E 166 17.69 22.36 27.98
C GLY E 166 16.90 21.36 28.81
N VAL E 167 15.86 20.79 28.20
CA VAL E 167 15.02 19.83 28.89
C VAL E 167 15.41 18.39 28.57
N CYS E 168 15.48 17.54 29.59
CA CYS E 168 15.62 16.11 29.34
C CYS E 168 14.73 15.31 30.29
N THR E 169 13.88 14.48 29.72
CA THR E 169 12.92 13.68 30.49
C THR E 169 13.23 12.20 30.33
N ASP E 170 13.18 11.45 31.42
CA ASP E 170 13.37 10.01 31.31
C ASP E 170 12.51 9.49 30.18
N PRO E 171 13.11 8.68 29.31
CA PRO E 171 12.44 8.08 28.14
C PRO E 171 11.24 7.25 28.58
N GLN E 172 11.48 6.38 29.55
CA GLN E 172 10.40 5.60 30.14
C GLN E 172 10.42 5.76 31.65
N PRO E 173 9.22 5.87 32.24
CA PRO E 173 9.00 5.93 33.69
C PRO E 173 9.66 4.75 34.36
N LEU E 174 9.99 4.89 35.63
CA LEU E 174 10.62 3.80 36.36
C LEU E 174 9.73 3.30 37.51
N LYS E 175 9.53 1.99 37.60
CA LYS E 175 8.59 1.42 38.55
C LYS E 175 9.10 1.53 39.98
N GLU E 176 8.19 1.93 40.87
CA GLU E 176 8.51 2.01 42.28
C GLU E 176 8.59 0.61 42.87
N GLN E 177 7.88 -0.32 42.26
CA GLN E 177 8.04 -1.75 42.54
C GLN E 177 7.93 -2.55 41.24
N PRO E 178 9.05 -2.64 40.52
CA PRO E 178 9.14 -3.13 39.14
C PRO E 178 8.58 -4.53 38.86
N ALA E 179 8.62 -5.44 39.83
CA ALA E 179 8.15 -6.82 39.60
C ALA E 179 6.62 -6.96 39.60
N LEU E 180 5.95 -5.98 40.19
CA LEU E 180 4.50 -5.95 40.19
C LEU E 180 3.99 -5.13 39.00
N ASN E 181 3.15 -5.73 38.17
CA ASN E 181 2.55 -5.00 37.06
C ASN E 181 1.49 -4.03 37.60
N ASP E 182 1.41 -3.98 38.92
N ASP E 182 1.35 -4.00 38.92
CA ASP E 182 0.38 -3.26 39.64
CA ASP E 182 0.35 -3.16 39.57
C ASP E 182 1.00 -2.08 40.37
C ASP E 182 0.99 -1.97 40.25
N SER E 183 2.33 -1.98 40.30
CA SER E 183 3.07 -0.96 41.03
C SER E 183 2.94 0.42 40.42
N ARG E 184 3.24 1.42 41.24
CA ARG E 184 3.19 2.81 40.81
C ARG E 184 4.52 3.26 40.18
N TYR E 185 4.46 4.33 39.40
CA TYR E 185 5.60 4.75 38.61
C TYR E 185 6.15 6.10 39.04
N ALA E 186 7.44 6.31 38.81
CA ALA E 186 8.05 7.61 38.97
C ALA E 186 8.73 8.05 37.68
N LEU E 187 8.67 9.35 37.40
CA LEU E 187 9.30 9.93 36.23
C LEU E 187 10.08 11.18 36.61
N SER E 188 11.30 11.30 36.11
CA SER E 188 12.05 12.54 36.32
C SER E 188 12.31 13.30 35.01
N SER E 189 12.62 14.57 35.16
CA SER E 189 12.89 15.44 34.04
C SER E 189 13.83 16.53 34.55
N ARG E 190 14.75 16.99 33.70
CA ARG E 190 15.58 18.11 34.06
C ARG E 190 15.43 19.24 33.05
N LEU E 191 15.54 20.45 33.56
CA LEU E 191 15.52 21.65 32.76
C LEU E 191 16.71 22.46 33.19
N ARG E 192 17.62 22.71 32.26
CA ARG E 192 18.82 23.43 32.61
C ARG E 192 18.85 24.77 31.94
N VAL E 193 19.08 25.79 32.76
CA VAL E 193 19.18 27.15 32.28
C VAL E 193 20.50 27.72 32.80
N SER E 194 20.84 28.93 32.40
CA SER E 194 22.01 29.55 32.99
C SER E 194 21.68 30.03 34.41
N ALA E 195 22.66 29.92 35.30
CA ALA E 195 22.56 30.50 36.65
C ALA E 195 21.92 31.88 36.63
N THR E 196 22.37 32.70 35.71
CA THR E 196 21.93 34.07 35.70
C THR E 196 20.46 34.16 35.28
N PHE E 197 19.99 33.19 34.49
CA PHE E 197 18.55 33.12 34.22
C PHE E 197 17.76 32.68 35.45
N TRP E 198 18.34 31.74 36.19
CA TRP E 198 17.74 31.26 37.43
C TRP E 198 17.74 32.29 38.55
N GLN E 199 18.71 33.21 38.54
CA GLN E 199 18.83 34.17 39.63
C GLN E 199 17.97 35.39 39.41
N ASP E 200 16.74 35.13 38.98
CA ASP E 200 15.79 36.18 38.68
C ASP E 200 14.45 35.71 39.23
N PRO E 201 13.98 36.33 40.33
CA PRO E 201 12.77 35.90 41.02
C PRO E 201 11.56 36.06 40.13
N ARG E 202 11.75 36.80 39.04
CA ARG E 202 10.71 37.05 38.05
C ARG E 202 10.60 35.92 37.05
N ASN E 203 11.62 35.07 36.98
CA ASN E 203 11.54 33.93 36.08
C ASN E 203 10.80 32.76 36.74
N HIS E 204 9.82 32.23 36.01
CA HIS E 204 8.91 31.23 36.56
C HIS E 204 9.10 29.88 35.89
N PHE E 205 9.38 28.87 36.69
CA PHE E 205 9.64 27.53 36.19
C PHE E 205 8.56 26.57 36.68
N ARG E 206 7.75 26.08 35.76
CA ARG E 206 6.70 25.15 36.16
C ARG E 206 6.89 23.82 35.47
N CYS E 207 6.82 22.76 36.25
CA CYS E 207 6.83 21.44 35.70
C CYS E 207 5.41 20.92 35.64
N GLN E 208 4.97 20.49 34.47
CA GLN E 208 3.58 20.12 34.29
C GLN E 208 3.41 18.69 33.84
N VAL E 209 2.70 17.90 34.63
CA VAL E 209 2.46 16.52 34.27
C VAL E 209 0.97 16.29 33.95
N GLN E 210 0.69 16.04 32.68
CA GLN E 210 -0.65 15.68 32.26
C GLN E 210 -0.79 14.19 32.49
N PHE E 211 -1.76 13.79 33.29
CA PHE E 211 -1.96 12.39 33.62
C PHE E 211 -3.28 11.92 33.05
N TYR E 212 -3.27 10.74 32.43
CA TYR E 212 -4.49 10.15 31.87
C TYR E 212 -4.97 9.02 32.75
N GLY E 213 -6.13 9.20 33.35
CA GLY E 213 -6.66 8.20 34.28
C GLY E 213 -8.12 7.88 33.99
N LEU E 214 -8.93 7.85 35.04
CA LEU E 214 -10.34 7.53 34.90
C LEU E 214 -11.07 8.66 34.19
N SER E 215 -12.17 8.30 33.54
CA SER E 215 -13.08 9.26 32.94
C SER E 215 -14.12 9.65 33.97
N GLU E 216 -14.99 10.60 33.63
CA GLU E 216 -16.13 10.94 34.47
C GLU E 216 -17.02 9.72 34.76
N ASN E 217 -17.28 8.91 33.73
CA ASN E 217 -18.22 7.79 33.86
C ASN E 217 -17.72 6.62 34.68
N ASP E 218 -16.41 6.45 34.74
CA ASP E 218 -15.85 5.33 35.48
C ASP E 218 -16.39 5.29 36.90
N GLU E 219 -16.76 4.11 37.36
CA GLU E 219 -17.21 3.93 38.75
C GLU E 219 -16.02 4.13 39.67
N TRP E 220 -16.25 4.76 40.81
CA TRP E 220 -15.17 4.99 41.76
C TRP E 220 -15.61 4.65 43.16
N THR E 221 -14.96 3.68 43.76
CA THR E 221 -15.48 3.11 44.98
C THR E 221 -14.57 3.36 46.19
N GLN E 222 -13.62 4.29 46.02
CA GLN E 222 -12.65 4.61 47.06
C GLN E 222 -13.02 5.93 47.70
N ASP E 223 -12.45 6.18 48.87
CA ASP E 223 -12.73 7.43 49.56
C ASP E 223 -11.83 8.51 49.00
N ARG E 224 -10.64 8.11 48.57
CA ARG E 224 -9.70 9.04 48.00
C ARG E 224 -10.23 9.63 46.70
N ALA E 225 -9.73 10.81 46.35
CA ALA E 225 -10.16 11.50 45.16
C ALA E 225 -10.07 10.58 43.94
N LYS E 226 -11.12 10.57 43.14
CA LYS E 226 -11.14 9.79 41.92
C LYS E 226 -9.98 10.24 41.06
N PRO E 227 -9.09 9.30 40.68
CA PRO E 227 -7.90 9.65 39.89
C PRO E 227 -8.25 9.83 38.42
N VAL E 228 -8.94 10.91 38.10
CA VAL E 228 -9.29 11.20 36.72
C VAL E 228 -8.15 11.85 35.97
N THR E 229 -8.18 11.72 34.67
CA THR E 229 -7.33 12.52 33.81
C THR E 229 -7.27 13.94 34.34
N GLN E 230 -6.05 14.42 34.56
CA GLN E 230 -5.87 15.73 35.16
C GLN E 230 -4.44 16.20 34.92
N ILE E 231 -4.22 17.49 35.11
CA ILE E 231 -2.87 18.00 35.07
C ILE E 231 -2.40 18.27 36.49
N VAL E 232 -1.17 17.86 36.78
CA VAL E 232 -0.57 18.14 38.06
C VAL E 232 0.76 18.84 37.86
N SER E 233 0.91 20.00 38.52
CA SER E 233 2.08 20.83 38.33
C SER E 233 2.80 21.09 39.64
N ALA E 234 4.09 21.40 39.54
CA ALA E 234 4.82 22.01 40.64
C ALA E 234 5.65 23.11 39.99
N GLU E 235 5.97 24.13 40.77
CA GLU E 235 6.67 25.28 40.21
C GLU E 235 7.78 25.77 41.12
N ALA E 236 8.58 26.68 40.59
CA ALA E 236 9.60 27.35 41.37
C ALA E 236 9.87 28.69 40.70
N TRP E 237 10.34 29.65 41.49
CA TRP E 237 10.72 30.95 40.96
C TRP E 237 12.21 31.11 41.09
N GLY E 238 12.81 31.92 40.22
CA GLY E 238 14.23 32.18 40.34
C GLY E 238 14.61 32.70 41.75
N ARG E 239 15.80 32.33 42.22
CA ARG E 239 16.33 32.84 43.48
C ARG E 239 17.22 34.03 43.16
N ALA E 240 16.73 35.24 43.41
CA ALA E 240 17.59 36.42 43.29
C ALA E 240 18.63 36.34 44.40
N ASP E 241 19.65 37.19 44.30
CA ASP E 241 20.78 37.12 45.20
C ASP E 241 20.53 37.77 46.56
N ALA E 242 21.53 37.66 47.43
CA ALA E 242 21.39 38.02 48.84
C ALA E 242 20.81 39.41 49.20
N SER E 243 21.32 40.56 48.73
CA SER E 243 22.39 40.85 47.75
C SER E 243 21.83 41.69 46.59
N GLY E 244 20.55 42.05 46.67
CA GLY E 244 19.85 42.68 45.57
C GLY E 244 18.87 41.67 44.98
N LEU E 245 18.77 41.52 43.64
CA LEU E 245 19.48 42.26 42.58
C LEU E 245 19.73 41.36 41.36
N VAL E 246 18.82 41.38 40.40
CA VAL E 246 18.95 40.48 39.25
C VAL E 246 20.20 40.81 38.44
N PRO E 247 21.07 39.82 38.23
CA PRO E 247 22.32 40.09 37.51
C PRO E 247 22.06 40.48 36.06
N ARG E 248 22.91 41.34 35.52
CA ARG E 248 22.75 41.78 34.14
C ARG E 248 23.25 40.74 33.13
#